data_6J4Q
#
_entry.id   6J4Q
#
_cell.length_a   117.177
_cell.length_b   117.177
_cell.length_c   209.044
_cell.angle_alpha   90.00
_cell.angle_beta   90.00
_cell.angle_gamma   120.00
#
_symmetry.space_group_name_H-M   'P 32 2 1'
#
loop_
_entity.id
_entity.type
_entity.pdbx_description
1 polymer 'Tubulinyl-Tyr carboxypeptidase 2'
2 polymer 'Small vasohibin-binding protein'
3 non-polymer N-[(2S)-4-chloro-3-oxo-1-phenyl-butan-2-yl]-4-methyl-benzenesulfonamide
4 non-polymer GLYCEROL
5 water water
#
loop_
_entity_poly.entity_id
_entity_poly.type
_entity_poly.pdbx_seq_one_letter_code
_entity_poly.pdbx_strand_id
1 'polypeptide(L)'
;GVLFHVNKSGFPIDSHTWERMWMHVAKVHPKGGEMVGAIRNAAFLAKPSIPQVPNYRLSMTIPDWLQAIQNYMKTLQYNH
TGTQFFEIRKMRPLSGLMETAKEMTRESLPIKCLEAVILGIYLTNGQPSIERFPISFKTYFSGNYFHHVVLGIYCNGRYG
SLGMSRRAELMDKPLTFRTLSDLIFDFEDSYKKYLHTVKKVKIGLYVPHEPHSFQPIEWKQLVLNVSKMLRADIRKELEK
YARDMRMKILK
;
A,C,F,J
2 'polypeptide(L)' MDPPARKEKTKVKESVSRVEKAKQKSAQQELKQRQRAEIYALNRVMTELEQQQFDEFCKQMQPPGE B,D,G,K
#
loop_
_chem_comp.id
_chem_comp.type
_chem_comp.name
_chem_comp.formula
GOL non-polymer GLYCEROL 'C3 H8 O3'
TQ8 non-polymer N-[(2S)-4-chloro-3-oxo-1-phenyl-butan-2-yl]-4-methyl-benzenesulfonamide 'C17 H18 Cl N O3 S'
#
# COMPACT_ATOMS: atom_id res chain seq x y z
N PHE A 4 0.32 -21.22 19.98
CA PHE A 4 -1.02 -20.93 20.50
C PHE A 4 -1.79 -22.22 20.86
N HIS A 5 -2.02 -22.40 22.17
CA HIS A 5 -2.81 -23.50 22.71
C HIS A 5 -4.21 -23.04 23.14
N VAL A 6 -5.19 -23.94 23.02
CA VAL A 6 -6.57 -23.70 23.45
C VAL A 6 -7.00 -24.75 24.46
N ASN A 7 -7.80 -24.33 25.44
CA ASN A 7 -8.25 -25.19 26.53
C ASN A 7 -9.56 -25.90 26.17
N LYS A 8 -9.51 -27.21 25.99
CA LYS A 8 -10.69 -28.00 25.74
C LYS A 8 -11.16 -28.73 26.99
N SER A 9 -10.57 -28.42 28.13
CA SER A 9 -10.86 -29.07 29.40
C SER A 9 -12.00 -28.41 30.19
N GLY A 10 -12.49 -27.25 29.78
CA GLY A 10 -13.46 -26.56 30.63
C GLY A 10 -12.86 -26.00 31.93
N PHE A 11 -13.73 -25.89 32.95
CA PHE A 11 -13.39 -25.20 34.20
C PHE A 11 -13.89 -25.99 35.40
N PRO A 12 -13.01 -26.31 36.36
CA PRO A 12 -11.61 -25.84 36.35
C PRO A 12 -10.73 -26.56 35.32
N ILE A 13 -9.59 -25.95 35.04
CA ILE A 13 -8.70 -26.39 33.99
C ILE A 13 -7.92 -27.61 34.46
N ASP A 14 -7.85 -28.64 33.63
CA ASP A 14 -7.15 -29.86 34.04
C ASP A 14 -5.63 -29.63 34.02
N SER A 15 -4.89 -30.62 34.53
CA SER A 15 -3.48 -30.41 34.86
C SER A 15 -2.57 -30.33 33.63
N HIS A 16 -2.87 -31.11 32.58
CA HIS A 16 -2.03 -31.05 31.38
C HIS A 16 -2.07 -29.65 30.75
N THR A 17 -3.27 -29.09 30.58
CA THR A 17 -3.35 -27.79 29.93
C THR A 17 -2.87 -26.67 30.87
N TRP A 18 -3.10 -26.81 32.17
CA TRP A 18 -2.57 -25.84 33.11
C TRP A 18 -1.05 -25.80 33.06
N GLU A 19 -0.39 -26.96 33.13
CA GLU A 19 1.07 -26.95 33.17
C GLU A 19 1.65 -26.45 31.86
N ARG A 20 0.92 -26.65 30.76
CA ARG A 20 1.46 -26.30 29.46
C ARG A 20 1.36 -24.78 29.26
N MET A 21 0.46 -24.16 30.00
CA MET A 21 0.41 -22.70 30.05
C MET A 21 1.66 -22.17 30.72
N TRP A 22 1.97 -22.67 31.92
CA TRP A 22 3.18 -22.20 32.57
C TRP A 22 4.42 -22.59 31.79
N MET A 23 4.36 -23.72 31.07
CA MET A 23 5.37 -24.06 30.07
C MET A 23 5.69 -22.86 29.19
N HIS A 24 4.71 -22.46 28.37
CA HIS A 24 4.91 -21.42 27.37
C HIS A 24 5.30 -20.10 28.01
N VAL A 25 4.84 -19.87 29.24
CA VAL A 25 5.04 -18.58 29.87
C VAL A 25 6.48 -18.42 30.31
N ALA A 26 7.14 -19.53 30.66
CA ALA A 26 8.52 -19.50 31.15
C ALA A 26 9.56 -19.48 30.03
N LYS A 27 9.17 -19.85 28.81
CA LYS A 27 10.11 -19.77 27.70
C LYS A 27 10.16 -18.36 27.10
N VAL A 28 9.00 -17.76 26.78
CA VAL A 28 9.02 -16.48 26.07
C VAL A 28 9.48 -15.36 26.99
N HIS A 29 9.14 -15.43 28.27
CA HIS A 29 9.60 -14.41 29.20
C HIS A 29 11.12 -14.53 29.36
N PRO A 30 11.88 -13.45 29.16
CA PRO A 30 13.34 -13.51 29.43
C PRO A 30 13.68 -13.90 30.86
N LYS A 31 12.83 -13.56 31.84
CA LYS A 31 13.02 -13.94 33.23
C LYS A 31 11.89 -14.83 33.74
N GLY A 32 11.30 -15.66 32.87
CA GLY A 32 10.29 -16.61 33.29
C GLY A 32 10.79 -17.54 34.37
N GLY A 33 9.92 -18.41 34.90
CA GLY A 33 10.39 -19.39 35.87
C GLY A 33 10.70 -18.79 37.24
N GLU A 34 11.54 -17.75 37.27
CA GLU A 34 11.67 -16.92 38.46
C GLU A 34 10.30 -16.35 38.84
N MET A 35 9.58 -15.80 37.86
CA MET A 35 8.26 -15.26 38.14
C MET A 35 7.16 -16.32 38.08
N VAL A 36 7.32 -17.39 37.28
CA VAL A 36 6.31 -18.44 37.30
C VAL A 36 6.15 -19.01 38.70
N GLY A 37 7.27 -19.31 39.36
CA GLY A 37 7.19 -19.78 40.74
C GLY A 37 6.45 -18.82 41.64
N ALA A 38 6.77 -17.52 41.54
CA ALA A 38 6.22 -16.52 42.46
C ALA A 38 4.70 -16.47 42.41
N ILE A 39 4.09 -16.65 41.24
CA ILE A 39 2.63 -16.80 41.18
C ILE A 39 2.21 -18.19 41.63
N ARG A 40 2.72 -19.23 40.94
CA ARG A 40 2.34 -20.61 41.25
C ARG A 40 2.48 -20.88 42.74
N ASN A 41 3.70 -20.78 43.26
CA ASN A 41 3.99 -20.93 44.68
C ASN A 41 3.83 -19.56 45.33
N ALA A 42 2.63 -19.29 45.82
CA ALA A 42 2.38 -18.16 46.71
C ALA A 42 1.15 -18.55 47.52
N ALA A 43 1.29 -18.59 48.84
CA ALA A 43 0.20 -19.01 49.71
C ALA A 43 -1.09 -18.27 49.38
N PHE A 44 -1.00 -16.94 49.18
CA PHE A 44 -2.18 -16.12 48.90
C PHE A 44 -1.94 -15.20 47.70
N LEU A 45 -2.98 -15.06 46.86
CA LEU A 45 -3.03 -14.03 45.83
C LEU A 45 -4.29 -13.21 46.08
N ALA A 46 -4.25 -11.96 45.65
CA ALA A 46 -5.48 -11.17 45.66
C ALA A 46 -6.51 -11.78 44.72
N LYS A 47 -7.75 -11.84 45.19
CA LYS A 47 -8.88 -12.24 44.34
C LYS A 47 -9.22 -11.09 43.41
N PRO A 48 -9.07 -11.23 42.08
CA PRO A 48 -9.34 -10.10 41.20
C PRO A 48 -10.82 -9.74 41.17
N SER A 49 -11.08 -8.46 40.91
CA SER A 49 -12.45 -7.97 40.86
C SER A 49 -13.21 -8.64 39.72
N ILE A 50 -14.47 -8.98 39.98
CA ILE A 50 -15.36 -9.53 38.96
C ILE A 50 -16.15 -8.38 38.35
N PRO A 51 -15.85 -7.97 37.11
CA PRO A 51 -16.68 -6.95 36.47
C PRO A 51 -18.11 -7.46 36.32
N GLN A 52 -19.06 -6.58 36.59
CA GLN A 52 -20.46 -6.89 36.40
C GLN A 52 -20.80 -6.81 34.91
N VAL A 53 -21.54 -7.81 34.42
CA VAL A 53 -21.93 -7.84 33.00
C VAL A 53 -22.93 -6.71 32.74
N PRO A 54 -22.79 -5.93 31.68
CA PRO A 54 -23.66 -4.76 31.52
C PRO A 54 -25.04 -5.15 31.04
N ASN A 55 -26.06 -4.43 31.50
CA ASN A 55 -27.41 -4.59 30.97
C ASN A 55 -27.89 -3.26 30.39
N TYR A 56 -28.62 -3.35 29.28
CA TYR A 56 -29.07 -2.13 28.61
C TYR A 56 -30.18 -1.46 29.44
N ARG A 57 -29.97 -0.19 29.77
CA ARG A 57 -30.90 0.61 30.56
C ARG A 57 -31.44 1.73 29.67
N LEU A 58 -32.70 2.14 29.86
CA LEU A 58 -33.33 3.08 28.91
C LEU A 58 -32.65 4.45 28.84
N SER A 59 -31.76 4.77 29.80
CA SER A 59 -31.02 6.04 29.76
C SER A 59 -29.76 5.98 28.89
N MET A 60 -29.52 4.88 28.20
CA MET A 60 -28.33 4.73 27.39
C MET A 60 -28.76 4.93 25.94
N THR A 61 -27.95 5.67 25.19
CA THR A 61 -28.00 5.59 23.74
C THR A 61 -27.39 4.28 23.27
N ILE A 62 -27.65 3.94 22.01
CA ILE A 62 -26.93 2.84 21.39
C ILE A 62 -25.41 3.03 21.49
N PRO A 63 -24.83 4.17 21.10
CA PRO A 63 -23.40 4.40 21.39
C PRO A 63 -23.00 4.21 22.84
N ASP A 64 -23.88 4.51 23.78
CA ASP A 64 -23.58 4.31 25.20
C ASP A 64 -23.51 2.83 25.53
N TRP A 65 -24.49 2.06 25.08
CA TRP A 65 -24.49 0.62 25.30
C TRP A 65 -23.28 -0.01 24.64
N LEU A 66 -22.96 0.42 23.42
CA LEU A 66 -21.83 -0.15 22.70
C LEU A 66 -20.53 0.10 23.46
N GLN A 67 -20.37 1.30 24.03
CA GLN A 67 -19.18 1.56 24.82
C GLN A 67 -19.18 0.72 26.09
N ALA A 68 -20.36 0.47 26.67
CA ALA A 68 -20.42 -0.36 27.87
C ALA A 68 -20.01 -1.80 27.56
N ILE A 69 -20.45 -2.35 26.43
CA ILE A 69 -20.01 -3.68 26.06
C ILE A 69 -18.51 -3.70 25.88
N GLN A 70 -17.98 -2.71 25.17
CA GLN A 70 -16.55 -2.68 24.89
C GLN A 70 -15.75 -2.51 26.17
N ASN A 71 -16.22 -1.64 27.07
CA ASN A 71 -15.53 -1.51 28.36
C ASN A 71 -15.57 -2.80 29.18
N TYR A 72 -16.65 -3.57 29.11
CA TYR A 72 -16.70 -4.85 29.81
C TYR A 72 -15.60 -5.79 29.30
N MET A 73 -15.44 -5.86 27.98
CA MET A 73 -14.42 -6.72 27.39
C MET A 73 -13.03 -6.23 27.76
N LYS A 74 -12.81 -4.92 27.76
CA LYS A 74 -11.50 -4.41 28.13
C LYS A 74 -11.15 -4.77 29.56
N THR A 75 -12.14 -4.83 30.46
CA THR A 75 -11.92 -5.19 31.86
C THR A 75 -11.62 -6.69 32.02
N LEU A 76 -12.20 -7.51 31.14
CA LEU A 76 -11.83 -8.92 31.11
C LEU A 76 -10.36 -9.07 30.79
N GLN A 77 -9.82 -8.13 29.99
CA GLN A 77 -8.45 -7.98 29.49
C GLN A 77 -8.19 -8.89 28.30
N TYR A 78 -7.33 -8.45 27.39
CA TYR A 78 -6.82 -9.32 26.35
C TYR A 78 -5.96 -10.42 26.98
N ASN A 79 -6.09 -11.63 26.45
CA ASN A 79 -5.38 -12.83 26.93
C ASN A 79 -3.96 -12.82 26.41
N HIS A 80 -2.99 -12.46 27.29
CA HIS A 80 -1.56 -12.52 27.01
C HIS A 80 -0.88 -13.80 27.53
N THR A 81 -1.59 -14.66 28.27
CA THR A 81 -1.03 -15.89 28.83
C THR A 81 -0.55 -16.89 27.79
N GLY A 82 -1.05 -16.83 26.57
CA GLY A 82 -0.71 -17.83 25.58
C GLY A 82 -1.69 -18.98 25.50
N THR A 83 -2.56 -19.13 26.48
CA THR A 83 -3.52 -20.21 26.49
C THR A 83 -4.94 -19.64 26.40
N GLN A 84 -5.57 -19.79 25.24
CA GLN A 84 -6.95 -19.38 25.09
C GLN A 84 -7.87 -20.26 25.93
N PHE A 85 -8.63 -19.64 26.82
CA PHE A 85 -9.40 -20.33 27.85
C PHE A 85 -10.77 -20.86 27.42
N PHE A 86 -11.42 -20.26 26.42
CA PHE A 86 -12.72 -20.73 25.96
C PHE A 86 -12.59 -21.18 24.52
N GLU A 87 -12.84 -22.46 24.28
CA GLU A 87 -12.77 -22.97 22.91
C GLU A 87 -13.93 -22.45 22.09
N ILE A 88 -13.63 -21.88 20.94
CA ILE A 88 -14.63 -21.40 19.99
C ILE A 88 -14.44 -22.19 18.69
N ARG A 89 -15.39 -23.06 18.39
CA ARG A 89 -15.40 -23.76 17.12
C ARG A 89 -16.27 -22.96 16.16
N LYS A 90 -15.62 -22.29 15.20
CA LYS A 90 -16.29 -21.31 14.32
C LYS A 90 -17.60 -21.82 13.73
N MET A 91 -17.64 -23.09 13.35
CA MET A 91 -18.82 -23.60 12.64
C MET A 91 -19.80 -24.33 13.56
N ARG A 92 -19.62 -24.22 14.88
CA ARG A 92 -20.66 -24.57 15.84
C ARG A 92 -21.96 -23.79 15.58
N PRO A 93 -23.10 -24.39 15.89
CA PRO A 93 -24.36 -23.64 15.83
C PRO A 93 -24.32 -22.42 16.74
N LEU A 94 -24.99 -21.35 16.30
CA LEU A 94 -25.03 -20.13 17.08
C LEU A 94 -25.46 -20.42 18.51
N SER A 95 -26.43 -21.33 18.67
CA SER A 95 -26.96 -21.73 19.95
C SER A 95 -25.88 -22.11 20.96
N GLY A 96 -24.90 -22.91 20.50
CA GLY A 96 -23.85 -23.40 21.38
C GLY A 96 -22.72 -22.42 21.61
N LEU A 97 -22.43 -21.56 20.63
CA LEU A 97 -21.53 -20.45 20.84
C LEU A 97 -22.07 -19.50 21.90
N MET A 98 -23.39 -19.33 21.93
CA MET A 98 -23.99 -18.46 22.93
C MET A 98 -23.84 -19.05 24.33
N GLU A 99 -23.94 -20.38 24.42
CA GLU A 99 -23.65 -21.07 25.67
C GLU A 99 -22.23 -20.74 26.14
N THR A 100 -21.28 -20.73 25.22
CA THR A 100 -19.90 -20.43 25.59
C THR A 100 -19.75 -18.98 26.01
N ALA A 101 -20.48 -18.05 25.39
CA ALA A 101 -20.41 -16.69 25.87
C ALA A 101 -20.93 -16.59 27.30
N LYS A 102 -22.00 -17.31 27.61
CA LYS A 102 -22.48 -17.35 29.00
C LYS A 102 -21.35 -17.78 29.93
N GLU A 103 -20.62 -18.85 29.54
CA GLU A 103 -19.42 -19.28 30.25
C GLU A 103 -18.49 -18.09 30.51
N MET A 104 -18.18 -17.32 29.46
CA MET A 104 -17.30 -16.17 29.62
C MET A 104 -17.76 -15.22 30.72
N THR A 105 -18.98 -14.69 30.61
CA THR A 105 -19.46 -13.75 31.62
C THR A 105 -19.51 -14.37 33.00
N ARG A 106 -19.76 -15.67 33.09
CA ARG A 106 -19.91 -16.28 34.40
C ARG A 106 -18.58 -16.74 34.98
N GLU A 107 -17.58 -16.96 34.15
CA GLU A 107 -16.25 -17.32 34.62
C GLU A 107 -15.25 -16.16 34.66
N SER A 108 -15.53 -15.05 33.95
CA SER A 108 -14.74 -13.81 33.95
C SER A 108 -13.23 -14.02 33.85
N LEU A 109 -12.74 -14.23 32.64
CA LEU A 109 -11.35 -14.52 32.34
C LEU A 109 -10.91 -13.73 31.13
N PRO A 110 -9.61 -13.56 30.93
CA PRO A 110 -9.15 -12.84 29.73
C PRO A 110 -9.54 -13.54 28.44
N ILE A 111 -9.63 -12.76 27.38
CA ILE A 111 -10.13 -13.26 26.12
C ILE A 111 -9.31 -12.65 24.99
N LYS A 112 -9.27 -13.35 23.87
CA LYS A 112 -8.70 -12.80 22.63
C LYS A 112 -9.80 -12.45 21.62
N CYS A 113 -9.40 -12.08 20.40
CA CYS A 113 -10.33 -11.45 19.41
C CYS A 113 -11.51 -12.28 18.97
N LEU A 114 -11.32 -13.58 18.75
CA LEU A 114 -12.42 -14.42 18.31
C LEU A 114 -13.47 -14.52 19.40
N GLU A 115 -13.03 -14.78 20.63
CA GLU A 115 -13.98 -14.91 21.73
C GLU A 115 -14.70 -13.58 21.98
N ALA A 116 -13.99 -12.47 21.80
CA ALA A 116 -14.61 -11.14 21.87
C ALA A 116 -15.78 -11.01 20.90
N VAL A 117 -15.64 -11.59 19.71
CA VAL A 117 -16.70 -11.47 18.73
C VAL A 117 -17.94 -12.24 19.18
N ILE A 118 -17.74 -13.45 19.71
CA ILE A 118 -18.87 -14.26 20.18
C ILE A 118 -19.61 -13.53 21.28
N LEU A 119 -18.86 -12.96 22.20
CA LEU A 119 -19.45 -12.26 23.32
C LEU A 119 -20.06 -10.95 22.86
N GLY A 120 -19.42 -10.30 21.89
CA GLY A 120 -20.07 -9.20 21.20
C GLY A 120 -21.46 -9.56 20.73
N ILE A 121 -21.58 -10.67 20.02
CA ILE A 121 -22.90 -11.10 19.55
C ILE A 121 -23.82 -11.33 20.74
N TYR A 122 -23.34 -12.05 21.76
CA TYR A 122 -24.19 -12.45 22.87
C TYR A 122 -24.72 -11.23 23.63
N LEU A 123 -23.89 -10.18 23.79
CA LEU A 123 -24.34 -8.98 24.47
C LEU A 123 -25.21 -8.08 23.60
N THR A 124 -25.13 -8.20 22.26
CA THR A 124 -25.97 -7.36 21.40
C THR A 124 -27.25 -8.06 20.92
N ASN A 125 -27.39 -9.37 21.15
CA ASN A 125 -28.73 -9.92 21.03
C ASN A 125 -29.64 -9.13 21.97
N GLY A 126 -30.86 -8.89 21.54
CA GLY A 126 -31.77 -8.14 22.38
C GLY A 126 -31.86 -6.66 22.07
N GLN A 127 -31.07 -6.18 21.12
CA GLN A 127 -31.21 -4.83 20.58
C GLN A 127 -31.30 -5.00 19.09
N PRO A 128 -32.51 -5.04 18.55
CA PRO A 128 -32.71 -5.37 17.13
C PRO A 128 -32.44 -4.22 16.19
N SER A 129 -32.27 -3.01 16.71
CA SER A 129 -31.82 -1.88 15.89
C SER A 129 -30.37 -2.06 15.46
N ILE A 130 -29.57 -2.80 16.23
CA ILE A 130 -28.18 -3.12 15.90
C ILE A 130 -28.13 -4.38 15.05
N GLU A 131 -27.44 -4.29 13.90
CA GLU A 131 -27.07 -5.50 13.17
C GLU A 131 -25.58 -5.77 13.35
N ARG A 132 -25.23 -7.06 13.35
CA ARG A 132 -23.92 -7.55 13.77
C ARG A 132 -23.36 -8.50 12.71
N PHE A 133 -22.12 -8.26 12.30
CA PHE A 133 -21.55 -9.16 11.28
C PHE A 133 -20.04 -9.18 11.42
N PRO A 134 -19.41 -10.34 11.27
CA PRO A 134 -17.98 -10.42 11.54
C PRO A 134 -17.17 -9.92 10.35
N ILE A 135 -16.10 -9.21 10.68
CA ILE A 135 -15.10 -8.76 9.71
C ILE A 135 -13.78 -9.45 10.04
N SER A 136 -13.24 -10.22 9.08
CA SER A 136 -11.95 -10.89 9.22
C SER A 136 -10.92 -10.24 8.31
N PHE A 137 -9.68 -10.17 8.79
CA PHE A 137 -8.57 -9.59 8.04
C PHE A 137 -7.42 -10.58 7.96
N LYS A 138 -6.86 -10.76 6.78
CA LYS A 138 -5.59 -11.44 6.65
C LYS A 138 -4.59 -10.36 6.27
N THR A 139 -3.52 -10.23 7.05
CA THR A 139 -2.55 -9.16 6.82
C THR A 139 -1.14 -9.72 6.73
N TYR A 140 -0.25 -8.94 6.12
CA TYR A 140 1.13 -9.34 5.89
C TYR A 140 2.09 -8.40 6.63
N PHE A 141 2.99 -8.98 7.38
CA PHE A 141 4.04 -8.20 8.01
C PHE A 141 5.30 -9.05 8.09
N SER A 142 6.36 -8.59 7.42
CA SER A 142 7.71 -9.11 7.61
C SER A 142 7.79 -10.61 7.34
N GLY A 143 7.32 -11.01 6.16
CA GLY A 143 7.32 -12.40 5.76
C GLY A 143 6.34 -13.31 6.48
N ASN A 144 5.35 -12.76 7.18
CA ASN A 144 4.34 -13.56 7.85
C ASN A 144 2.96 -13.02 7.53
N TYR A 145 2.01 -13.95 7.46
CA TYR A 145 0.59 -13.64 7.37
C TYR A 145 -0.06 -13.82 8.74
N PHE A 146 -1.02 -12.95 9.06
CA PHE A 146 -1.72 -12.95 10.34
C PHE A 146 -3.21 -12.83 10.11
N HIS A 147 -3.98 -13.33 11.07
CA HIS A 147 -5.44 -13.34 10.99
C HIS A 147 -6.06 -12.67 12.20
N HIS A 148 -7.00 -11.78 11.96
CA HIS A 148 -7.72 -10.98 12.95
C HIS A 148 -9.19 -10.94 12.72
N VAL A 149 -9.99 -10.75 13.71
CA VAL A 149 -11.43 -10.68 13.53
C VAL A 149 -12.04 -9.69 14.52
N VAL A 150 -13.09 -9.01 14.06
CA VAL A 150 -13.85 -8.06 14.86
C VAL A 150 -15.33 -8.22 14.52
N LEU A 151 -16.17 -7.60 15.35
CA LEU A 151 -17.61 -7.54 15.10
C LEU A 151 -17.95 -6.22 14.42
N GLY A 152 -18.21 -6.26 13.11
CA GLY A 152 -18.88 -5.14 12.46
C GLY A 152 -20.27 -4.90 13.02
N ILE A 153 -20.67 -3.63 12.99
CA ILE A 153 -21.89 -3.13 13.62
C ILE A 153 -22.55 -2.16 12.66
N TYR A 154 -23.85 -2.26 12.50
CA TYR A 154 -24.59 -1.35 11.65
C TYR A 154 -25.84 -0.91 12.39
N CYS A 155 -26.07 0.39 12.46
CA CYS A 155 -27.22 0.87 13.20
C CYS A 155 -27.52 2.30 12.77
N ASN A 156 -28.79 2.55 12.41
CA ASN A 156 -29.28 3.87 11.99
C ASN A 156 -28.32 4.55 11.02
N GLY A 157 -27.99 3.83 9.95
CA GLY A 157 -27.19 4.42 8.88
C GLY A 157 -25.73 4.67 9.21
N ARG A 158 -25.22 4.10 10.30
CA ARG A 158 -23.83 4.25 10.72
C ARG A 158 -23.18 2.88 11.01
N TYR A 159 -21.88 2.78 10.71
CA TYR A 159 -21.15 1.53 10.89
C TYR A 159 -20.11 1.71 12.00
N GLY A 160 -19.70 0.58 12.58
CA GLY A 160 -18.80 0.59 13.71
C GLY A 160 -18.31 -0.81 14.00
N SER A 161 -17.57 -0.97 15.09
CA SER A 161 -17.15 -2.33 15.44
C SER A 161 -16.95 -2.49 16.94
N LEU A 162 -17.01 -3.74 17.37
CA LEU A 162 -16.57 -4.20 18.69
C LEU A 162 -15.47 -5.23 18.47
N GLY A 163 -14.56 -5.34 19.41
CA GLY A 163 -13.51 -6.30 19.24
C GLY A 163 -12.56 -6.24 20.42
N MET A 164 -11.62 -7.16 20.41
CA MET A 164 -10.55 -7.19 21.38
C MET A 164 -9.24 -7.35 20.62
N SER A 165 -8.29 -6.46 20.90
CA SER A 165 -6.99 -6.55 20.26
C SER A 165 -5.92 -6.08 21.25
N ARG A 166 -4.70 -6.59 21.04
CA ARG A 166 -3.52 -6.03 21.71
C ARG A 166 -3.26 -4.59 21.30
N ARG A 167 -3.84 -4.12 20.18
CA ARG A 167 -3.62 -2.79 19.65
C ARG A 167 -4.91 -1.98 19.70
N ALA A 168 -4.84 -0.78 20.28
CA ALA A 168 -6.05 -0.02 20.51
C ALA A 168 -6.75 0.37 19.22
N GLU A 169 -6.06 0.41 18.08
CA GLU A 169 -6.71 0.89 16.85
C GLU A 169 -7.29 -0.23 16.01
N LEU A 170 -7.33 -1.46 16.51
CA LEU A 170 -7.79 -2.62 15.76
C LEU A 170 -8.88 -3.38 16.52
N MET A 171 -9.74 -2.63 17.23
CA MET A 171 -10.89 -3.17 17.94
C MET A 171 -12.13 -2.34 17.67
N ASP A 172 -12.62 -1.72 18.74
CA ASP A 172 -13.82 -0.92 18.68
C ASP A 172 -13.61 0.28 17.78
N LYS A 173 -14.66 0.65 17.05
CA LYS A 173 -14.71 1.85 16.21
C LYS A 173 -16.07 2.47 16.44
N PRO A 174 -16.15 3.76 16.77
CA PRO A 174 -17.43 4.38 17.09
C PRO A 174 -18.41 4.35 15.92
N LEU A 175 -19.70 4.52 16.25
CA LEU A 175 -20.78 4.45 15.27
C LEU A 175 -20.84 5.76 14.48
N THR A 176 -19.81 5.97 13.67
CA THR A 176 -19.69 7.24 12.97
C THR A 176 -19.21 7.07 11.53
N PHE A 177 -19.12 5.86 11.02
CA PHE A 177 -18.71 5.67 9.64
C PHE A 177 -19.96 5.59 8.76
N ARG A 178 -19.93 6.31 7.64
CA ARG A 178 -21.13 6.41 6.83
C ARG A 178 -21.25 5.31 5.79
N THR A 179 -20.16 4.60 5.48
CA THR A 179 -20.22 3.46 4.60
C THR A 179 -19.52 2.30 5.29
N LEU A 180 -19.86 1.08 4.87
CA LEU A 180 -19.00 -0.04 5.23
C LEU A 180 -17.56 0.22 4.80
N SER A 181 -17.36 0.91 3.67
CA SER A 181 -15.99 1.11 3.18
C SER A 181 -15.20 2.02 4.10
N ASP A 182 -15.85 3.02 4.70
CA ASP A 182 -15.13 3.92 5.58
C ASP A 182 -14.66 3.16 6.82
N LEU A 183 -15.51 2.28 7.36
CA LEU A 183 -15.07 1.38 8.43
C LEU A 183 -13.86 0.56 8.00
N ILE A 184 -14.00 -0.19 6.90
CA ILE A 184 -12.91 -1.07 6.47
C ILE A 184 -11.64 -0.27 6.21
N PHE A 185 -11.78 0.93 5.62
CA PHE A 185 -10.60 1.72 5.28
C PHE A 185 -9.94 2.31 6.51
N ASP A 186 -10.71 2.50 7.58
CA ASP A 186 -10.07 2.90 8.83
C ASP A 186 -9.18 1.79 9.37
N PHE A 187 -9.66 0.56 9.36
CA PHE A 187 -8.84 -0.56 9.79
C PHE A 187 -7.57 -0.65 8.96
N GLU A 188 -7.68 -0.41 7.64
CA GLU A 188 -6.48 -0.56 6.81
C GLU A 188 -5.45 0.50 7.17
N ASP A 189 -5.92 1.73 7.38
CA ASP A 189 -5.01 2.79 7.82
C ASP A 189 -4.46 2.50 9.20
N SER A 190 -5.29 1.97 10.11
CA SER A 190 -4.78 1.57 11.42
C SER A 190 -3.70 0.51 11.28
N TYR A 191 -3.92 -0.49 10.41
CA TYR A 191 -2.87 -1.50 10.19
C TYR A 191 -1.61 -0.86 9.61
N LYS A 192 -1.73 0.26 8.87
CA LYS A 192 -0.55 0.90 8.28
C LYS A 192 0.38 1.43 9.36
N LYS A 193 -0.19 1.83 10.50
CA LYS A 193 0.61 2.30 11.63
C LYS A 193 1.58 1.22 12.10
N TYR A 194 1.18 -0.06 12.03
CA TYR A 194 1.99 -1.18 12.49
C TYR A 194 2.67 -1.88 11.34
N LEU A 195 2.70 -1.24 10.17
CA LEU A 195 3.37 -1.72 8.95
C LEU A 195 2.76 -3.04 8.40
N HIS A 196 1.52 -3.34 8.75
CA HIS A 196 0.83 -4.44 8.10
C HIS A 196 0.17 -3.94 6.82
N THR A 197 0.33 -4.75 5.78
CA THR A 197 -0.40 -4.64 4.53
C THR A 197 -1.62 -5.56 4.63
N VAL A 198 -2.81 -5.03 4.36
CA VAL A 198 -4.01 -5.86 4.32
C VAL A 198 -4.05 -6.63 3.01
N LYS A 199 -4.04 -7.95 3.10
CA LYS A 199 -4.09 -8.79 1.92
C LYS A 199 -5.50 -9.25 1.59
N LYS A 200 -6.27 -9.66 2.57
CA LYS A 200 -7.62 -10.08 2.38
C LYS A 200 -8.55 -9.59 3.43
N VAL A 201 -9.79 -9.39 3.05
CA VAL A 201 -10.88 -8.93 3.91
C VAL A 201 -12.07 -9.85 3.67
N LYS A 202 -12.63 -10.40 4.76
CA LYS A 202 -13.79 -11.30 4.70
C LYS A 202 -14.92 -10.71 5.52
N ILE A 203 -16.05 -10.46 4.86
CA ILE A 203 -17.21 -9.91 5.54
C ILE A 203 -18.26 -11.02 5.65
N GLY A 204 -18.80 -11.23 6.84
CA GLY A 204 -19.83 -12.21 7.04
C GLY A 204 -21.23 -11.64 6.83
N LEU A 205 -22.20 -12.47 7.14
CA LEU A 205 -23.62 -12.12 7.10
C LEU A 205 -24.04 -11.56 8.46
N TYR A 206 -25.13 -10.80 8.45
CA TYR A 206 -25.78 -10.39 9.70
C TYR A 206 -25.98 -11.61 10.59
N VAL A 207 -25.65 -11.48 11.87
CA VAL A 207 -25.85 -12.65 12.72
C VAL A 207 -27.28 -12.54 13.23
N PRO A 208 -28.07 -13.59 13.11
CA PRO A 208 -29.47 -13.47 13.52
C PRO A 208 -29.56 -13.21 15.02
N HIS A 209 -30.66 -12.59 15.41
CA HIS A 209 -30.88 -12.26 16.82
C HIS A 209 -31.56 -13.38 17.58
N GLU A 210 -31.98 -14.45 16.91
CA GLU A 210 -32.42 -15.67 17.58
C GLU A 210 -31.25 -16.32 18.30
N PRO A 211 -31.19 -16.27 19.64
CA PRO A 211 -30.07 -16.91 20.35
C PRO A 211 -30.17 -18.42 20.41
N HIS A 212 -31.30 -18.98 19.95
CA HIS A 212 -31.49 -20.41 19.86
C HIS A 212 -31.39 -20.91 18.42
N SER A 213 -30.93 -20.07 17.49
CA SER A 213 -30.61 -20.53 16.16
C SER A 213 -29.56 -21.61 16.24
N PHE A 214 -29.72 -22.66 15.43
CA PHE A 214 -28.71 -23.70 15.36
C PHE A 214 -27.96 -23.68 14.02
N GLN A 215 -28.01 -22.55 13.34
CA GLN A 215 -27.19 -22.34 12.17
C GLN A 215 -25.82 -21.81 12.58
N PRO A 216 -24.77 -22.13 11.83
CA PRO A 216 -23.48 -21.51 12.12
C PRO A 216 -23.48 -20.06 11.65
N ILE A 217 -22.60 -19.28 12.27
CA ILE A 217 -22.32 -17.93 11.77
C ILE A 217 -21.78 -18.05 10.36
N GLU A 218 -22.21 -17.16 9.48
CA GLU A 218 -21.55 -17.00 8.18
C GLU A 218 -20.40 -16.02 8.32
N TRP A 219 -19.17 -16.50 8.05
CA TRP A 219 -17.95 -15.71 8.23
C TRP A 219 -17.41 -15.09 6.96
N LYS A 220 -17.85 -15.52 5.77
CA LYS A 220 -17.14 -15.16 4.57
C LYS A 220 -18.02 -15.13 3.32
N GLN A 221 -19.16 -14.44 3.39
CA GLN A 221 -19.95 -14.24 2.18
C GLN A 221 -19.23 -13.38 1.17
N LEU A 222 -18.43 -12.43 1.64
CA LEU A 222 -17.62 -11.60 0.77
C LEU A 222 -16.17 -11.79 1.17
N VAL A 223 -15.33 -12.07 0.18
CA VAL A 223 -13.89 -12.21 0.33
C VAL A 223 -13.28 -11.38 -0.78
N LEU A 224 -12.44 -10.40 -0.43
CA LEU A 224 -11.85 -9.61 -1.50
C LEU A 224 -10.38 -9.31 -1.22
N ASN A 225 -9.57 -9.52 -2.25
CA ASN A 225 -8.11 -9.51 -2.23
C ASN A 225 -7.60 -8.07 -2.33
N VAL A 226 -7.69 -7.35 -1.24
CA VAL A 226 -7.46 -5.91 -1.24
C VAL A 226 -6.03 -5.54 -1.69
N SER A 227 -5.18 -6.56 -1.90
CA SER A 227 -3.77 -6.30 -2.17
C SER A 227 -3.55 -5.81 -3.61
N LYS A 228 -4.19 -6.46 -4.57
CA LYS A 228 -4.09 -6.11 -5.98
C LYS A 228 -5.13 -5.05 -6.41
N MET A 229 -5.98 -4.59 -5.49
CA MET A 229 -7.09 -3.68 -5.80
C MET A 229 -6.82 -2.24 -5.39
N LEU A 230 -7.35 -1.31 -6.17
CA LEU A 230 -7.30 0.11 -5.83
C LEU A 230 -8.47 0.45 -4.92
N ARG A 231 -8.33 1.54 -4.15
CA ARG A 231 -9.39 1.90 -3.20
C ARG A 231 -10.71 2.17 -3.91
N ALA A 232 -10.67 2.84 -5.07
CA ALA A 232 -11.91 3.06 -5.80
C ALA A 232 -12.64 1.76 -6.10
N ASP A 233 -11.92 0.65 -6.28
CA ASP A 233 -12.67 -0.54 -6.57
C ASP A 233 -12.95 -1.39 -5.34
N ILE A 234 -12.10 -1.35 -4.31
CA ILE A 234 -12.49 -1.91 -3.02
C ILE A 234 -13.82 -1.30 -2.56
N ARG A 235 -13.97 0.01 -2.71
CA ARG A 235 -15.17 0.68 -2.25
C ARG A 235 -16.43 0.18 -2.97
N LYS A 236 -16.37 0.04 -4.25
CA LYS A 236 -17.45 -0.44 -4.97
C LYS A 236 -17.84 -1.80 -4.53
N GLU A 237 -16.97 -2.74 -4.57
CA GLU A 237 -17.25 -4.12 -4.13
C GLU A 237 -17.79 -4.16 -2.71
N LEU A 238 -17.24 -3.35 -1.80
CA LEU A 238 -17.76 -3.29 -0.45
C LEU A 238 -19.12 -2.57 -0.41
N GLU A 239 -19.34 -1.59 -1.29
CA GLU A 239 -20.59 -0.82 -1.17
C GLU A 239 -21.77 -1.60 -1.72
N LYS A 240 -21.56 -2.32 -2.82
CA LYS A 240 -22.56 -3.25 -3.31
C LYS A 240 -22.92 -4.29 -2.25
N TYR A 241 -21.93 -4.77 -1.49
CA TYR A 241 -22.26 -5.86 -0.59
C TYR A 241 -22.99 -5.34 0.66
N ALA A 242 -22.49 -4.27 1.26
CA ALA A 242 -23.24 -3.64 2.35
C ALA A 242 -24.69 -3.38 1.97
N ARG A 243 -24.92 -2.82 0.77
CA ARG A 243 -26.29 -2.51 0.39
C ARG A 243 -27.13 -3.78 0.23
N ASP A 244 -26.55 -4.84 -0.32
CA ASP A 244 -27.25 -6.13 -0.36
C ASP A 244 -27.64 -6.58 1.05
N MET A 245 -26.71 -6.45 2.01
CA MET A 245 -27.01 -6.81 3.39
C MET A 245 -28.22 -6.04 3.90
N ARG A 246 -28.30 -4.75 3.58
CA ARG A 246 -29.36 -3.87 4.10
C ARG A 246 -30.70 -4.18 3.47
N MET A 247 -30.71 -4.50 2.17
CA MET A 247 -31.90 -4.92 1.45
C MET A 247 -32.27 -6.39 1.70
N LYS A 248 -31.65 -7.03 2.71
CA LYS A 248 -31.95 -8.40 3.12
C LYS A 248 -32.16 -9.33 1.94
N ILE A 249 -31.27 -9.20 0.95
CA ILE A 249 -31.04 -10.12 -0.17
C ILE A 249 -30.13 -11.25 0.32
N LEU A 250 -28.88 -10.91 0.65
CA LEU A 250 -27.88 -11.87 1.11
C LEU A 250 -28.30 -12.45 2.47
N ALA B 27 -14.34 -30.12 46.61
CA ALA B 27 -14.00 -28.71 46.86
C ALA B 27 -13.55 -28.01 45.57
N GLN B 28 -14.45 -27.96 44.58
CA GLN B 28 -14.08 -27.70 43.19
C GLN B 28 -14.13 -26.23 42.79
N GLN B 29 -14.97 -25.45 43.42
CA GLN B 29 -14.97 -24.07 43.06
C GLN B 29 -13.62 -23.47 43.43
N GLU B 30 -13.17 -23.76 44.61
CA GLU B 30 -11.94 -23.14 45.08
C GLU B 30 -10.82 -23.21 44.05
N LEU B 31 -10.84 -24.23 43.19
CA LEU B 31 -9.83 -24.37 42.15
C LEU B 31 -9.98 -23.27 41.10
N LYS B 32 -11.21 -23.03 40.63
CA LYS B 32 -11.47 -21.91 39.74
C LYS B 32 -10.91 -20.62 40.34
N GLN B 33 -11.43 -20.24 41.52
CA GLN B 33 -11.09 -18.97 42.14
C GLN B 33 -9.58 -18.80 42.28
N ARG B 34 -8.88 -19.86 42.56
CA ARG B 34 -7.46 -19.76 42.64
C ARG B 34 -6.87 -19.68 41.28
N GLN B 35 -7.34 -20.45 40.34
CA GLN B 35 -6.79 -20.36 39.00
C GLN B 35 -7.08 -19.01 38.36
N ARG B 36 -8.28 -18.47 38.57
CA ARG B 36 -8.56 -17.13 38.09
C ARG B 36 -7.52 -16.14 38.62
N ALA B 37 -7.25 -16.22 39.93
CA ALA B 37 -6.29 -15.32 40.58
C ALA B 37 -4.89 -15.50 40.04
N GLU B 38 -4.51 -16.73 39.70
CA GLU B 38 -3.21 -16.92 39.07
C GLU B 38 -3.23 -16.42 37.62
N ILE B 39 -4.33 -16.64 36.90
CA ILE B 39 -4.39 -16.21 35.51
C ILE B 39 -4.26 -14.69 35.39
N TYR B 40 -5.03 -13.96 36.20
CA TYR B 40 -4.90 -12.50 36.14
C TYR B 40 -3.52 -12.05 36.60
N ALA B 41 -3.01 -12.59 37.71
CA ALA B 41 -1.61 -12.40 38.08
C ALA B 41 -0.66 -12.58 36.89
N LEU B 42 -0.73 -13.73 36.21
CA LEU B 42 0.15 -13.95 35.08
C LEU B 42 -0.11 -12.96 33.95
N ASN B 43 -1.38 -12.69 33.64
CA ASN B 43 -1.69 -11.80 32.54
C ASN B 43 -1.11 -10.40 32.76
N ARG B 44 -1.08 -9.94 34.01
CA ARG B 44 -0.42 -8.66 34.30
C ARG B 44 1.01 -8.65 33.76
N VAL B 45 1.76 -9.72 34.04
CA VAL B 45 3.16 -9.82 33.68
C VAL B 45 3.35 -9.91 32.16
N MET B 46 2.52 -10.70 31.47
CA MET B 46 2.76 -10.79 30.04
C MET B 46 2.37 -9.49 29.35
N THR B 47 1.42 -8.76 29.91
CA THR B 47 1.11 -7.46 29.34
C THR B 47 2.28 -6.52 29.50
N GLU B 48 2.78 -6.40 30.74
CA GLU B 48 3.94 -5.54 30.98
C GLU B 48 5.13 -6.00 30.15
N LEU B 49 5.32 -7.31 29.99
CA LEU B 49 6.37 -7.79 29.10
C LEU B 49 6.16 -7.29 27.68
N GLU B 50 4.97 -7.49 27.14
CA GLU B 50 4.74 -7.17 25.73
C GLU B 50 4.94 -5.69 25.45
N GLN B 51 4.73 -4.81 26.44
CA GLN B 51 5.00 -3.39 26.19
C GLN B 51 6.51 -3.10 26.13
N GLN B 52 7.31 -3.73 27.02
CA GLN B 52 8.76 -3.53 26.94
C GLN B 52 9.32 -4.07 25.64
N GLN B 53 8.88 -5.27 25.26
CA GLN B 53 9.28 -5.80 23.96
C GLN B 53 8.92 -4.84 22.83
N PHE B 54 7.65 -4.40 22.77
CA PHE B 54 7.25 -3.50 21.69
C PHE B 54 7.98 -2.16 21.76
N ASP B 55 8.24 -1.66 22.97
CA ASP B 55 8.98 -0.40 23.09
C ASP B 55 10.42 -0.56 22.61
N GLU B 56 11.13 -1.59 23.11
CA GLU B 56 12.51 -1.81 22.65
C GLU B 56 12.57 -2.18 21.18
N PHE B 57 11.47 -2.68 20.61
CA PHE B 57 11.35 -2.88 19.17
C PHE B 57 11.54 -1.56 18.45
N CYS B 58 10.51 -0.71 18.52
CA CYS B 58 10.59 0.73 18.13
C CYS B 58 11.94 1.42 18.37
N LYS B 59 12.52 1.28 19.56
CA LYS B 59 13.83 1.87 19.86
C LYS B 59 14.98 1.11 19.20
N PHE C 4 25.52 2.62 -6.19
CA PHE C 4 25.07 3.76 -7.00
C PHE C 4 26.20 4.43 -7.84
N HIS C 5 26.55 3.84 -9.00
CA HIS C 5 27.54 4.40 -9.92
C HIS C 5 26.90 5.41 -10.89
N VAL C 6 27.54 6.57 -11.05
CA VAL C 6 27.07 7.63 -11.95
C VAL C 6 28.24 8.16 -12.79
N ASN C 7 27.95 8.47 -14.06
CA ASN C 7 29.00 8.75 -15.05
C ASN C 7 29.22 10.25 -15.21
N LYS C 8 30.40 10.73 -14.79
CA LYS C 8 30.76 12.13 -14.97
C LYS C 8 31.72 12.35 -16.12
N SER C 9 32.00 11.32 -16.90
CA SER C 9 32.96 11.41 -18.00
C SER C 9 32.34 11.89 -19.31
N GLY C 10 31.03 12.13 -19.35
CA GLY C 10 30.44 12.45 -20.64
C GLY C 10 30.44 11.27 -21.61
N PHE C 11 30.58 11.59 -22.90
CA PHE C 11 30.50 10.57 -23.96
C PHE C 11 31.52 10.93 -25.03
N PRO C 12 32.37 9.97 -25.45
CA PRO C 12 32.37 8.58 -24.97
C PRO C 12 32.71 8.41 -23.49
N ILE C 13 32.23 7.32 -22.90
CA ILE C 13 32.54 7.02 -21.52
C ILE C 13 34.02 6.65 -21.40
N ASP C 14 34.71 7.27 -20.44
CA ASP C 14 36.15 7.06 -20.35
C ASP C 14 36.46 5.62 -19.94
N SER C 15 37.76 5.29 -19.94
CA SER C 15 38.17 3.95 -19.54
C SER C 15 37.75 3.63 -18.11
N HIS C 16 37.89 4.60 -17.20
CA HIS C 16 37.66 4.30 -15.79
C HIS C 16 36.19 3.96 -15.51
N THR C 17 35.25 4.80 -15.99
CA THR C 17 33.85 4.55 -15.66
C THR C 17 33.33 3.30 -16.37
N TRP C 18 33.82 3.06 -17.59
CA TRP C 18 33.45 1.86 -18.36
C TRP C 18 33.78 0.59 -17.58
N GLU C 19 35.01 0.50 -17.06
CA GLU C 19 35.41 -0.74 -16.37
C GLU C 19 34.65 -0.94 -15.05
N ARG C 20 34.19 0.15 -14.43
CA ARG C 20 33.48 0.01 -13.17
C ARG C 20 32.06 -0.49 -13.42
N MET C 21 31.43 -0.01 -14.49
CA MET C 21 30.16 -0.57 -14.92
C MET C 21 30.29 -2.07 -15.17
N TRP C 22 31.34 -2.47 -15.88
CA TRP C 22 31.47 -3.90 -16.20
C TRP C 22 31.78 -4.72 -14.96
N MET C 23 32.42 -4.13 -13.96
CA MET C 23 32.77 -4.91 -12.79
C MET C 23 31.59 -5.06 -11.84
N HIS C 24 30.80 -3.99 -11.66
CA HIS C 24 29.59 -4.11 -10.86
C HIS C 24 28.70 -5.21 -11.40
N VAL C 25 28.48 -5.19 -12.71
CA VAL C 25 27.62 -6.16 -13.39
C VAL C 25 28.17 -7.58 -13.22
N ALA C 26 29.50 -7.73 -13.25
CA ALA C 26 30.10 -9.05 -13.06
C ALA C 26 29.87 -9.56 -11.64
N LYS C 27 29.78 -8.66 -10.65
CA LYS C 27 29.57 -9.07 -9.27
C LYS C 27 28.12 -9.54 -9.06
N VAL C 28 27.15 -8.80 -9.58
CA VAL C 28 25.75 -9.06 -9.27
C VAL C 28 25.08 -10.08 -10.20
N HIS C 29 25.57 -10.25 -11.41
CA HIS C 29 25.04 -11.32 -12.25
C HIS C 29 25.63 -12.67 -11.84
N PRO C 30 24.79 -13.68 -11.56
CA PRO C 30 25.33 -14.97 -11.07
C PRO C 30 26.38 -15.62 -11.97
N LYS C 31 26.16 -15.63 -13.28
CA LYS C 31 27.16 -16.08 -14.25
C LYS C 31 28.02 -14.92 -14.74
N GLY C 32 28.29 -13.97 -13.82
CA GLY C 32 28.87 -12.68 -14.13
C GLY C 32 30.00 -12.60 -15.12
N GLY C 33 31.13 -13.21 -14.78
CA GLY C 33 32.30 -13.07 -15.63
C GLY C 33 32.08 -13.59 -17.04
N GLU C 34 31.48 -14.77 -17.17
CA GLU C 34 31.24 -15.35 -18.49
C GLU C 34 30.27 -14.49 -19.33
N MET C 35 29.31 -13.82 -18.68
CA MET C 35 28.36 -13.01 -19.41
C MET C 35 29.00 -11.69 -19.85
N VAL C 36 29.81 -11.10 -18.97
CA VAL C 36 30.47 -9.83 -19.30
C VAL C 36 31.34 -9.98 -20.53
N GLY C 37 32.21 -11.00 -20.54
CA GLY C 37 33.05 -11.22 -21.70
C GLY C 37 32.24 -11.49 -22.95
N ALA C 38 31.09 -12.15 -22.82
CA ALA C 38 30.32 -12.50 -23.99
C ALA C 38 29.84 -11.26 -24.74
N ILE C 39 29.55 -10.16 -24.03
CA ILE C 39 29.17 -8.91 -24.68
C ILE C 39 30.40 -8.15 -25.19
N ARG C 40 31.43 -8.01 -24.34
CA ARG C 40 32.59 -7.18 -24.67
C ARG C 40 33.37 -7.73 -25.86
N ASN C 41 33.42 -9.05 -26.01
CA ASN C 41 34.24 -9.66 -27.05
C ASN C 41 33.43 -10.08 -28.26
N ALA C 42 32.12 -9.82 -28.28
CA ALA C 42 31.32 -10.20 -29.44
C ALA C 42 31.85 -9.54 -30.71
N ALA C 43 32.02 -10.36 -31.75
CA ALA C 43 32.44 -9.83 -33.04
C ALA C 43 31.44 -8.80 -33.58
N PHE C 44 30.14 -9.06 -33.39
CA PHE C 44 29.12 -8.17 -33.92
C PHE C 44 28.03 -8.00 -32.87
N LEU C 45 27.62 -6.75 -32.64
CA LEU C 45 26.45 -6.47 -31.82
C LEU C 45 25.43 -5.68 -32.62
N ALA C 46 24.16 -5.99 -32.38
CA ALA C 46 23.06 -5.25 -32.98
C ALA C 46 23.15 -3.78 -32.59
N LYS C 47 23.24 -2.88 -33.55
CA LYS C 47 23.00 -1.48 -33.23
C LYS C 47 21.51 -1.32 -32.94
N PRO C 48 21.11 -0.90 -31.74
CA PRO C 48 19.69 -0.70 -31.50
C PRO C 48 19.20 0.51 -32.28
N SER C 49 17.92 0.47 -32.66
CA SER C 49 17.35 1.60 -33.37
C SER C 49 17.17 2.78 -32.44
N ILE C 50 17.47 3.97 -32.98
CA ILE C 50 17.36 5.22 -32.24
C ILE C 50 15.96 5.81 -32.39
N PRO C 51 15.13 5.74 -31.34
CA PRO C 51 13.76 6.25 -31.47
C PRO C 51 13.79 7.73 -31.75
N GLN C 52 12.75 8.23 -32.41
CA GLN C 52 12.74 9.64 -32.74
C GLN C 52 12.21 10.46 -31.58
N VAL C 53 12.85 11.59 -31.33
CA VAL C 53 12.43 12.55 -30.31
C VAL C 53 11.04 13.05 -30.69
N PRO C 54 10.03 12.88 -29.83
CA PRO C 54 8.69 13.37 -30.17
C PRO C 54 8.64 14.90 -30.18
N ASN C 55 7.84 15.45 -31.10
CA ASN C 55 7.54 16.89 -31.10
C ASN C 55 6.03 17.10 -31.16
N TYR C 56 5.58 18.18 -30.50
CA TYR C 56 4.14 18.44 -30.48
C TYR C 56 3.66 18.98 -31.82
N ARG C 57 2.49 18.51 -32.26
CA ARG C 57 1.81 18.84 -33.50
C ARG C 57 0.36 19.21 -33.16
N LEU C 58 -0.29 19.98 -34.03
CA LEU C 58 -1.65 20.40 -33.68
C LEU C 58 -2.67 19.26 -33.71
N SER C 59 -2.32 18.09 -34.24
CA SER C 59 -3.27 16.98 -34.31
C SER C 59 -3.41 16.21 -33.01
N MET C 60 -2.62 16.55 -31.98
CA MET C 60 -2.57 15.81 -30.73
C MET C 60 -3.34 16.52 -29.62
N THR C 61 -4.13 15.76 -28.89
CA THR C 61 -4.57 16.25 -27.62
C THR C 61 -3.40 16.30 -26.67
N ILE C 62 -3.54 17.05 -25.57
CA ILE C 62 -2.60 16.95 -24.45
C ILE C 62 -2.37 15.50 -24.08
N PRO C 63 -3.38 14.67 -23.85
CA PRO C 63 -3.08 13.27 -23.51
C PRO C 63 -2.32 12.53 -24.61
N ASP C 64 -2.58 12.82 -25.88
CA ASP C 64 -1.82 12.15 -26.93
C ASP C 64 -0.35 12.50 -26.82
N TRP C 65 -0.06 13.76 -26.51
CA TRP C 65 1.32 14.21 -26.50
C TRP C 65 2.04 13.69 -25.26
N LEU C 66 1.34 13.64 -24.13
CA LEU C 66 1.89 13.01 -22.93
C LEU C 66 2.25 11.56 -23.18
N GLN C 67 1.36 10.80 -23.85
CA GLN C 67 1.61 9.41 -24.13
C GLN C 67 2.73 9.24 -25.15
N ALA C 68 2.91 10.20 -26.05
CA ALA C 68 4.03 10.13 -26.98
C ALA C 68 5.35 10.26 -26.22
N ILE C 69 5.38 11.16 -25.24
CA ILE C 69 6.58 11.37 -24.44
C ILE C 69 6.90 10.12 -23.65
N GLN C 70 5.91 9.60 -22.94
CA GLN C 70 6.14 8.46 -22.06
C GLN C 70 6.55 7.25 -22.86
N ASN C 71 5.93 7.04 -24.03
CA ASN C 71 6.38 5.99 -24.93
C ASN C 71 7.85 6.16 -25.29
N TYR C 72 8.25 7.40 -25.59
CA TYR C 72 9.63 7.67 -25.94
C TYR C 72 10.57 7.25 -24.81
N MET C 73 10.21 7.61 -23.57
CA MET C 73 11.03 7.21 -22.44
C MET C 73 11.02 5.69 -22.27
N LYS C 74 9.89 5.04 -22.50
CA LYS C 74 9.86 3.60 -22.37
C LYS C 74 10.79 2.92 -23.37
N THR C 75 10.95 3.52 -24.55
CA THR C 75 11.81 2.95 -25.58
C THR C 75 13.29 3.19 -25.27
N LEU C 76 13.64 4.27 -24.57
CA LEU C 76 15.03 4.36 -24.09
C LEU C 76 15.33 3.25 -23.09
N GLN C 77 14.29 2.72 -22.47
CA GLN C 77 14.14 1.73 -21.38
C GLN C 77 14.75 2.11 -20.03
N TYR C 78 14.32 1.41 -18.98
CA TYR C 78 14.83 1.65 -17.64
C TYR C 78 16.27 1.15 -17.53
N ASN C 79 17.14 1.98 -16.97
CA ASN C 79 18.54 1.61 -16.83
C ASN C 79 18.67 0.55 -15.76
N HIS C 80 19.02 -0.69 -16.15
CA HIS C 80 19.27 -1.80 -15.22
C HIS C 80 20.75 -2.07 -15.01
N THR C 81 21.64 -1.28 -15.61
CA THR C 81 23.04 -1.65 -15.71
C THR C 81 23.84 -1.31 -14.47
N GLY C 82 23.25 -0.64 -13.49
CA GLY C 82 24.02 -0.25 -12.32
C GLY C 82 24.81 1.02 -12.48
N THR C 83 24.92 1.57 -13.69
CA THR C 83 25.65 2.80 -13.94
C THR C 83 24.72 3.80 -14.62
N GLN C 84 24.42 4.89 -13.93
CA GLN C 84 23.56 5.92 -14.48
C GLN C 84 24.37 6.81 -15.41
N PHE C 85 23.88 6.97 -16.64
CA PHE C 85 24.69 7.48 -17.74
C PHE C 85 24.70 9.00 -17.85
N PHE C 86 23.83 9.69 -17.12
CA PHE C 86 23.72 11.14 -17.17
C PHE C 86 23.72 11.66 -15.75
N GLU C 87 24.71 12.48 -15.40
CA GLU C 87 24.75 13.06 -14.06
C GLU C 87 23.70 14.16 -13.93
N ILE C 88 22.75 13.95 -13.03
CA ILE C 88 21.76 14.96 -12.68
C ILE C 88 22.06 15.46 -11.29
N ARG C 89 22.62 16.66 -11.19
CA ARG C 89 22.79 17.28 -9.88
C ARG C 89 21.48 18.01 -9.56
N LYS C 90 20.74 17.45 -8.60
CA LYS C 90 19.38 17.88 -8.32
C LYS C 90 19.28 19.39 -8.13
N MET C 91 20.25 20.00 -7.46
CA MET C 91 20.14 21.43 -7.18
C MET C 91 20.82 22.30 -8.23
N ARG C 92 21.15 21.75 -9.41
CA ARG C 92 21.73 22.54 -10.50
C ARG C 92 20.70 23.51 -11.06
N PRO C 93 21.14 24.60 -11.71
CA PRO C 93 20.18 25.48 -12.37
C PRO C 93 19.48 24.81 -13.54
N LEU C 94 18.18 25.14 -13.69
CA LEU C 94 17.35 24.53 -14.73
C LEU C 94 17.99 24.63 -16.11
N SER C 95 18.59 25.78 -16.44
CA SER C 95 19.29 25.92 -17.71
C SER C 95 20.30 24.80 -17.93
N GLY C 96 20.92 24.32 -16.86
CA GLY C 96 21.87 23.24 -17.00
C GLY C 96 21.22 21.88 -17.10
N LEU C 97 20.17 21.66 -16.31
CA LEU C 97 19.46 20.39 -16.38
C LEU C 97 18.81 20.19 -17.73
N MET C 98 18.35 21.27 -18.37
CA MET C 98 17.79 21.13 -19.71
C MET C 98 18.86 20.78 -20.73
N GLU C 99 20.12 21.18 -20.51
CA GLU C 99 21.10 20.78 -21.51
C GLU C 99 21.42 19.32 -21.37
N THR C 100 21.42 18.80 -20.15
CA THR C 100 21.56 17.38 -19.94
C THR C 100 20.42 16.62 -20.60
N ALA C 101 19.22 17.18 -20.56
CA ALA C 101 18.08 16.55 -21.22
C ALA C 101 18.30 16.44 -22.72
N LYS C 102 18.81 17.52 -23.34
CA LYS C 102 19.11 17.46 -24.77
C LYS C 102 20.17 16.40 -25.08
N GLU C 103 21.13 16.22 -24.17
CA GLU C 103 22.11 15.15 -24.35
C GLU C 103 21.43 13.78 -24.31
N MET C 104 20.49 13.56 -23.37
CA MET C 104 19.74 12.31 -23.34
C MET C 104 19.10 12.01 -24.70
N THR C 105 18.50 13.03 -25.34
CA THR C 105 17.87 12.82 -26.65
C THR C 105 18.88 12.61 -27.76
N ARG C 106 20.14 12.99 -27.55
CA ARG C 106 21.12 12.84 -28.60
C ARG C 106 21.87 11.52 -28.48
N GLU C 107 22.19 11.08 -27.25
CA GLU C 107 22.88 9.81 -27.08
C GLU C 107 21.91 8.63 -27.04
N SER C 108 20.69 8.85 -26.58
CA SER C 108 19.63 7.82 -26.58
C SER C 108 20.08 6.53 -25.91
N LEU C 109 20.22 6.62 -24.58
CA LEU C 109 20.66 5.54 -23.70
C LEU C 109 19.60 5.29 -22.64
N PRO C 110 19.64 4.18 -21.91
CA PRO C 110 18.65 3.95 -20.84
C PRO C 110 18.83 4.89 -19.67
N ILE C 111 17.71 5.18 -18.99
CA ILE C 111 17.63 6.17 -17.92
C ILE C 111 16.92 5.55 -16.73
N LYS C 112 17.08 6.18 -15.58
CA LYS C 112 16.24 5.85 -14.41
C LYS C 112 15.28 6.99 -14.07
N CYS C 113 14.68 6.92 -12.87
CA CYS C 113 13.59 7.84 -12.44
C CYS C 113 13.94 9.30 -12.40
N LEU C 114 15.09 9.68 -11.86
CA LEU C 114 15.38 11.10 -11.78
C LEU C 114 15.67 11.72 -13.14
N GLU C 115 16.57 11.07 -13.90
CA GLU C 115 16.77 11.40 -15.31
C GLU C 115 15.45 11.51 -16.08
N ALA C 116 14.53 10.55 -15.90
CA ALA C 116 13.23 10.67 -16.55
C ALA C 116 12.50 11.94 -16.13
N VAL C 117 12.65 12.36 -14.87
CA VAL C 117 11.92 13.56 -14.45
C VAL C 117 12.47 14.79 -15.18
N ILE C 118 13.79 14.87 -15.31
CA ILE C 118 14.37 16.00 -16.04
C ILE C 118 13.93 15.97 -17.49
N LEU C 119 13.85 14.77 -18.10
CA LEU C 119 13.47 14.66 -19.51
C LEU C 119 11.99 15.02 -19.73
N GLY C 120 11.12 14.61 -18.82
CA GLY C 120 9.73 15.00 -18.96
C GLY C 120 9.55 16.50 -18.95
N ILE C 121 10.22 17.18 -18.01
CA ILE C 121 10.20 18.64 -17.97
C ILE C 121 10.64 19.22 -19.31
N TYR C 122 11.72 18.69 -19.88
CA TYR C 122 12.25 19.15 -21.16
C TYR C 122 11.22 19.02 -22.27
N LEU C 123 10.65 17.83 -22.42
CA LEU C 123 9.71 17.64 -23.51
C LEU C 123 8.37 18.34 -23.26
N THR C 124 8.06 18.73 -22.02
CA THR C 124 6.84 19.49 -21.79
C THR C 124 7.04 21.00 -21.75
N ASN C 125 8.26 21.50 -21.53
CA ASN C 125 8.55 22.92 -21.76
C ASN C 125 8.05 23.31 -23.15
N GLY C 126 7.05 24.17 -23.23
CA GLY C 126 6.53 24.53 -24.53
C GLY C 126 5.06 24.25 -24.76
N GLN C 127 4.42 23.56 -23.83
CA GLN C 127 2.96 23.52 -23.75
C GLN C 127 2.58 24.30 -22.51
N PRO C 128 2.23 25.59 -22.65
CA PRO C 128 1.97 26.42 -21.47
C PRO C 128 0.78 25.96 -20.63
N SER C 129 -0.20 25.26 -21.22
CA SER C 129 -1.34 24.75 -20.46
C SER C 129 -0.97 23.67 -19.45
N ILE C 130 0.19 23.00 -19.60
CA ILE C 130 0.61 21.89 -18.75
C ILE C 130 1.54 22.40 -17.63
N GLU C 131 1.18 22.15 -16.37
CA GLU C 131 2.07 22.43 -15.25
C GLU C 131 2.72 21.14 -14.75
N ARG C 132 4.02 21.22 -14.43
CA ARG C 132 4.86 20.06 -14.11
C ARG C 132 5.46 20.27 -12.72
N PHE C 133 5.31 19.27 -11.84
CA PHE C 133 5.92 19.39 -10.51
C PHE C 133 6.43 18.03 -10.06
N PRO C 134 7.57 17.98 -9.37
CA PRO C 134 8.09 16.70 -8.93
C PRO C 134 7.34 16.14 -7.71
N ILE C 135 7.14 14.82 -7.73
CA ILE C 135 6.53 14.06 -6.65
C ILE C 135 7.52 12.97 -6.27
N SER C 136 7.91 12.95 -5.01
CA SER C 136 8.89 12.01 -4.49
C SER C 136 8.26 11.20 -3.35
N PHE C 137 8.63 9.93 -3.24
CA PHE C 137 8.09 9.03 -2.23
C PHE C 137 9.22 8.39 -1.44
N LYS C 138 9.07 8.36 -0.11
CA LYS C 138 9.87 7.51 0.76
C LYS C 138 9.00 6.31 1.15
N THR C 139 9.48 5.10 0.90
CA THR C 139 8.68 3.93 1.21
C THR C 139 9.47 2.98 2.09
N TYR C 140 8.71 2.15 2.81
CA TYR C 140 9.27 1.11 3.67
C TYR C 140 8.96 -0.25 3.08
N PHE C 141 9.93 -1.12 3.09
CA PHE C 141 9.73 -2.45 2.68
C PHE C 141 10.82 -3.38 3.17
N SER C 142 10.47 -4.34 4.02
CA SER C 142 11.39 -5.34 4.58
C SER C 142 12.57 -4.70 5.29
N GLY C 143 12.26 -3.84 6.26
CA GLY C 143 13.24 -3.16 7.10
C GLY C 143 14.09 -2.10 6.42
N ASN C 144 13.78 -1.70 5.20
CA ASN C 144 14.59 -0.74 4.45
C ASN C 144 13.73 0.44 4.03
N TYR C 145 14.40 1.54 3.67
CA TYR C 145 13.72 2.70 3.11
C TYR C 145 14.19 2.93 1.68
N PHE C 146 13.25 3.31 0.80
CA PHE C 146 13.52 3.51 -0.61
C PHE C 146 12.92 4.82 -1.07
N HIS C 147 13.59 5.48 -2.01
CA HIS C 147 13.08 6.73 -2.52
C HIS C 147 12.85 6.59 -4.02
N HIS C 148 11.81 7.27 -4.47
CA HIS C 148 11.36 7.24 -5.86
C HIS C 148 10.86 8.63 -6.20
N VAL C 149 10.87 8.96 -7.50
CA VAL C 149 10.42 10.27 -7.91
C VAL C 149 9.78 10.18 -9.29
N VAL C 150 8.71 10.94 -9.49
CA VAL C 150 8.01 11.05 -10.76
C VAL C 150 7.73 12.52 -11.02
N LEU C 151 7.33 12.84 -12.25
CA LEU C 151 6.92 14.20 -12.63
C LEU C 151 5.41 14.28 -12.55
N GLY C 152 4.91 14.91 -11.50
CA GLY C 152 3.50 15.24 -11.49
C GLY C 152 3.15 16.18 -12.63
N ILE C 153 1.94 15.99 -13.16
CA ILE C 153 1.41 16.78 -14.25
C ILE C 153 0.03 17.27 -13.80
N TYR C 154 -0.24 18.55 -14.06
CA TYR C 154 -1.59 19.11 -13.89
C TYR C 154 -1.91 19.95 -15.10
N CYS C 155 -3.10 19.79 -15.66
CA CYS C 155 -3.44 20.47 -16.89
C CYS C 155 -4.94 20.45 -17.03
N ASN C 156 -5.53 21.63 -17.27
CA ASN C 156 -6.98 21.78 -17.46
C ASN C 156 -7.75 21.00 -16.40
N GLY C 157 -7.41 21.24 -15.14
CA GLY C 157 -8.13 20.65 -14.02
C GLY C 157 -8.05 19.15 -13.85
N ARG C 158 -6.90 18.54 -14.17
CA ARG C 158 -6.73 17.09 -14.07
C ARG C 158 -5.27 16.76 -13.80
N TYR C 159 -5.04 15.79 -12.92
CA TYR C 159 -3.68 15.40 -12.58
C TYR C 159 -3.29 14.09 -13.27
N GLY C 160 -2.00 13.96 -13.52
CA GLY C 160 -1.41 12.72 -14.00
C GLY C 160 0.09 12.76 -13.75
N SER C 161 0.83 11.88 -14.41
CA SER C 161 2.27 11.84 -14.16
C SER C 161 3.03 11.24 -15.32
N LEU C 162 4.31 11.64 -15.43
CA LEU C 162 5.32 10.98 -16.25
C LEU C 162 6.46 10.45 -15.37
N GLY C 163 7.05 9.36 -15.80
CA GLY C 163 8.22 8.88 -15.09
C GLY C 163 8.74 7.59 -15.67
N MET C 164 9.82 7.11 -15.08
CA MET C 164 10.39 5.82 -15.44
C MET C 164 10.50 5.00 -14.16
N SER C 165 10.08 3.75 -14.23
CA SER C 165 10.21 2.84 -13.10
C SER C 165 10.43 1.41 -13.62
N ARG C 166 10.96 0.58 -12.80
CA ARG C 166 11.04 -0.80 -13.14
C ARG C 166 9.69 -1.39 -13.01
N ARG C 167 8.83 -0.72 -12.31
CA ARG C 167 7.46 -1.20 -12.12
C ARG C 167 6.49 -0.37 -12.98
N ALA C 168 5.61 -1.07 -13.69
CA ALA C 168 4.69 -0.40 -14.60
C ALA C 168 3.80 0.59 -13.88
N GLU C 169 3.41 0.28 -12.65
CA GLU C 169 2.42 1.07 -11.94
C GLU C 169 3.01 2.18 -11.11
N LEU C 170 4.31 2.41 -11.19
CA LEU C 170 4.92 3.46 -10.39
C LEU C 170 5.58 4.51 -11.29
N MET C 171 5.01 4.76 -12.46
CA MET C 171 5.59 5.73 -13.37
C MET C 171 4.53 6.63 -13.97
N ASP C 172 4.07 6.33 -15.20
CA ASP C 172 3.12 7.21 -15.89
C ASP C 172 1.68 6.95 -15.48
N LYS C 173 0.91 8.03 -15.40
CA LYS C 173 -0.50 7.95 -15.07
C LYS C 173 -1.26 8.94 -15.94
N PRO C 174 -2.44 8.57 -16.42
CA PRO C 174 -3.15 9.43 -17.37
C PRO C 174 -3.86 10.57 -16.67
N LEU C 175 -4.04 11.65 -17.44
CA LEU C 175 -4.66 12.88 -16.92
C LEU C 175 -6.15 12.69 -16.76
N THR C 176 -6.49 11.83 -15.81
CA THR C 176 -7.86 11.54 -15.43
C THR C 176 -8.11 11.80 -13.97
N PHE C 177 -7.09 12.16 -13.19
CA PHE C 177 -7.26 12.35 -11.75
C PHE C 177 -7.83 13.74 -11.43
N ARG C 178 -8.92 13.77 -10.69
CA ARG C 178 -9.57 15.04 -10.47
C ARG C 178 -8.91 15.83 -9.35
N THR C 179 -8.07 15.20 -8.53
CA THR C 179 -7.43 15.88 -7.40
C THR C 179 -6.04 15.32 -7.25
N LEU C 180 -5.15 16.15 -6.71
CA LEU C 180 -3.81 15.64 -6.45
C LEU C 180 -3.87 14.47 -5.48
N SER C 181 -4.84 14.48 -4.57
CA SER C 181 -4.97 13.38 -3.62
C SER C 181 -5.13 12.07 -4.36
N ASP C 182 -6.10 12.02 -5.29
CA ASP C 182 -6.37 10.79 -6.02
C ASP C 182 -5.10 10.27 -6.70
N LEU C 183 -4.32 11.18 -7.31
CA LEU C 183 -3.03 10.79 -7.87
C LEU C 183 -2.13 10.18 -6.81
N ILE C 184 -1.98 10.83 -5.66
CA ILE C 184 -1.10 10.31 -4.62
C ILE C 184 -1.63 8.96 -4.14
N PHE C 185 -2.94 8.87 -3.94
CA PHE C 185 -3.52 7.63 -3.45
C PHE C 185 -3.38 6.48 -4.45
N ASP C 186 -3.35 6.80 -5.75
CA ASP C 186 -3.12 5.75 -6.74
C ASP C 186 -1.72 5.20 -6.62
N PHE C 187 -0.74 6.08 -6.44
CA PHE C 187 0.61 5.61 -6.21
C PHE C 187 0.70 4.79 -4.92
N GLU C 188 0.05 5.25 -3.84
CA GLU C 188 0.09 4.48 -2.59
C GLU C 188 -0.52 3.10 -2.79
N ASP C 189 -1.63 3.03 -3.53
CA ASP C 189 -2.24 1.73 -3.76
C ASP C 189 -1.37 0.86 -4.66
N SER C 190 -0.65 1.45 -5.61
CA SER C 190 0.21 0.63 -6.46
C SER C 190 1.44 0.16 -5.69
N TYR C 191 1.99 1.02 -4.83
CA TYR C 191 3.07 0.59 -3.94
C TYR C 191 2.63 -0.58 -3.08
N LYS C 192 1.31 -0.68 -2.81
CA LYS C 192 0.76 -1.78 -2.01
C LYS C 192 0.95 -3.11 -2.72
N LYS C 193 0.81 -3.13 -4.06
CA LYS C 193 0.98 -4.38 -4.79
C LYS C 193 2.37 -4.96 -4.62
N TYR C 194 3.36 -4.14 -4.23
CA TYR C 194 4.73 -4.59 -4.01
C TYR C 194 5.09 -4.61 -2.53
N LEU C 195 4.09 -4.55 -1.65
CA LEU C 195 4.23 -4.59 -0.19
C LEU C 195 5.08 -3.44 0.34
N HIS C 196 5.08 -2.31 -0.36
CA HIS C 196 5.68 -1.08 0.16
C HIS C 196 4.68 -0.28 0.96
N THR C 197 5.19 0.41 1.96
CA THR C 197 4.40 1.34 2.76
C THR C 197 4.96 2.74 2.54
N VAL C 198 4.08 3.66 2.17
CA VAL C 198 4.48 5.03 1.93
C VAL C 198 4.60 5.75 3.27
N LYS C 199 5.81 6.24 3.58
CA LYS C 199 6.05 6.90 4.85
C LYS C 199 6.11 8.43 4.73
N LYS C 200 6.85 8.96 3.75
CA LYS C 200 6.87 10.39 3.43
C LYS C 200 6.54 10.60 1.96
N VAL C 201 5.79 11.66 1.67
CA VAL C 201 5.59 12.13 0.30
C VAL C 201 6.08 13.58 0.23
N LYS C 202 6.89 13.89 -0.78
CA LYS C 202 7.41 15.24 -1.00
C LYS C 202 6.93 15.74 -2.35
N ILE C 203 6.46 16.98 -2.39
CA ILE C 203 5.93 17.61 -3.60
C ILE C 203 6.63 18.94 -3.78
N GLY C 204 7.00 19.26 -5.02
CA GLY C 204 7.68 20.49 -5.34
C GLY C 204 6.74 21.57 -5.85
N LEU C 205 7.34 22.62 -6.41
CA LEU C 205 6.53 23.66 -7.04
C LEU C 205 6.57 23.51 -8.55
N TYR C 206 5.57 24.11 -9.20
CA TYR C 206 5.53 24.17 -10.65
C TYR C 206 6.90 24.54 -11.22
N VAL C 207 7.33 23.81 -12.23
CA VAL C 207 8.62 24.05 -12.88
C VAL C 207 8.40 25.08 -13.98
N PRO C 208 9.19 26.14 -14.02
CA PRO C 208 9.04 27.17 -15.05
C PRO C 208 9.27 26.64 -16.46
N HIS C 209 8.54 27.23 -17.41
CA HIS C 209 8.62 26.79 -18.79
C HIS C 209 9.76 27.45 -19.56
N GLU C 210 10.09 28.70 -19.28
CA GLU C 210 11.17 29.31 -20.04
C GLU C 210 12.46 28.54 -19.70
N PRO C 211 13.17 28.02 -20.71
CA PRO C 211 14.19 26.98 -20.44
C PRO C 211 15.54 27.52 -20.01
N HIS C 212 15.76 28.84 -20.02
CA HIS C 212 16.98 29.45 -19.48
C HIS C 212 16.72 30.30 -18.25
N SER C 213 15.61 30.06 -17.56
CA SER C 213 15.40 30.57 -16.20
C SER C 213 16.45 29.97 -15.26
N PHE C 214 17.09 30.84 -14.47
CA PHE C 214 18.27 30.41 -13.72
C PHE C 214 17.97 29.80 -12.36
N GLN C 215 16.69 29.67 -11.97
CA GLN C 215 16.33 29.03 -10.71
C GLN C 215 16.64 27.55 -10.78
N PRO C 216 16.70 26.87 -9.66
CA PRO C 216 16.64 25.41 -9.70
C PRO C 216 15.22 24.89 -9.51
N ILE C 217 15.06 23.58 -9.64
CA ILE C 217 13.79 22.96 -9.31
C ILE C 217 13.66 22.91 -7.80
N GLU C 218 12.45 23.21 -7.30
CA GLU C 218 12.14 23.05 -5.89
C GLU C 218 11.59 21.65 -5.70
N TRP C 219 12.32 20.79 -5.00
CA TRP C 219 11.98 19.36 -4.98
C TRP C 219 11.01 18.95 -3.89
N LYS C 220 10.77 19.80 -2.90
CA LYS C 220 10.08 19.37 -1.70
C LYS C 220 9.49 20.54 -0.93
N GLN C 221 8.74 21.39 -1.62
CA GLN C 221 8.03 22.47 -0.93
C GLN C 221 7.11 21.93 0.17
N LEU C 222 6.39 20.86 -0.11
CA LEU C 222 5.58 20.14 0.86
C LEU C 222 6.25 18.84 1.26
N VAL C 223 6.38 18.60 2.56
CA VAL C 223 6.91 17.34 3.10
C VAL C 223 5.88 16.82 4.08
N LEU C 224 5.23 15.73 3.72
CA LEU C 224 4.10 15.17 4.47
C LEU C 224 4.49 13.82 5.05
N ASN C 225 4.59 13.73 6.38
CA ASN C 225 4.91 12.42 6.95
C ASN C 225 3.61 11.65 7.09
N VAL C 226 3.35 10.83 6.09
CA VAL C 226 2.02 10.32 5.84
C VAL C 226 1.89 8.95 6.50
N SER C 227 2.92 8.54 7.25
CA SER C 227 3.00 7.15 7.66
C SER C 227 1.93 6.77 8.67
N LYS C 228 1.48 7.74 9.47
CA LYS C 228 0.51 7.44 10.53
C LYS C 228 -0.72 8.34 10.43
N MET C 229 -1.00 8.88 9.23
CA MET C 229 -2.19 9.67 9.01
C MET C 229 -3.31 8.81 8.42
N LEU C 230 -4.55 9.24 8.67
CA LEU C 230 -5.69 8.65 8.01
C LEU C 230 -5.87 9.29 6.63
N ARG C 231 -6.16 8.44 5.63
CA ARG C 231 -6.80 8.84 4.38
C ARG C 231 -7.32 10.28 4.38
N ALA C 232 -8.32 10.56 5.22
CA ALA C 232 -9.05 11.83 5.14
C ALA C 232 -8.14 13.02 5.40
N ASP C 233 -7.20 12.88 6.34
CA ASP C 233 -6.36 14.01 6.69
C ASP C 233 -5.21 14.20 5.71
N ILE C 234 -4.77 13.12 5.05
CA ILE C 234 -3.85 13.26 3.92
C ILE C 234 -4.52 14.01 2.79
N ARG C 235 -5.80 13.72 2.55
CA ARG C 235 -6.52 14.45 1.52
C ARG C 235 -6.66 15.93 1.89
N LYS C 236 -7.03 16.23 3.15
CA LYS C 236 -7.16 17.62 3.56
C LYS C 236 -5.83 18.37 3.40
N GLU C 237 -4.72 17.71 3.74
CA GLU C 237 -3.42 18.35 3.59
C GLU C 237 -3.05 18.56 2.13
N LEU C 238 -3.07 17.50 1.32
CA LEU C 238 -2.73 17.63 -0.08
C LEU C 238 -3.67 18.59 -0.80
N GLU C 239 -4.95 18.59 -0.43
CA GLU C 239 -5.93 19.38 -1.17
C GLU C 239 -5.74 20.87 -0.95
N LYS C 240 -5.27 21.25 0.24
CA LYS C 240 -4.87 22.62 0.50
C LYS C 240 -3.61 22.97 -0.29
N TYR C 241 -2.60 22.11 -0.24
CA TYR C 241 -1.39 22.41 -0.99
C TYR C 241 -1.66 22.48 -2.49
N ALA C 242 -2.53 21.60 -3.01
CA ALA C 242 -2.89 21.72 -4.42
C ALA C 242 -3.59 23.05 -4.72
N ARG C 243 -4.48 23.51 -3.81
CA ARG C 243 -5.12 24.81 -4.03
C ARG C 243 -4.09 25.95 -4.03
N ASP C 244 -3.06 25.84 -3.20
CA ASP C 244 -2.02 26.87 -3.14
C ASP C 244 -1.18 26.91 -4.40
N MET C 245 -0.64 25.76 -4.84
CA MET C 245 0.08 25.69 -6.11
C MET C 245 -0.71 26.38 -7.22
N ARG C 246 -2.02 26.10 -7.28
CA ARG C 246 -2.89 26.67 -8.30
C ARG C 246 -3.03 28.20 -8.22
N MET C 247 -2.93 28.79 -7.01
CA MET C 247 -3.23 30.20 -6.82
C MET C 247 -2.15 31.14 -7.35
N LYS C 248 -0.97 30.62 -7.72
CA LYS C 248 0.09 31.41 -8.35
C LYS C 248 0.50 32.62 -7.50
N SER D 26 34.86 12.04 -36.00
CA SER D 26 34.44 10.79 -36.65
C SER D 26 35.11 9.57 -36.02
N ALA D 27 36.37 9.75 -35.60
CA ALA D 27 37.04 8.70 -34.85
C ALA D 27 36.26 8.33 -33.59
N GLN D 28 35.75 9.32 -32.87
CA GLN D 28 35.04 9.05 -31.64
C GLN D 28 33.59 8.67 -31.87
N GLN D 29 33.02 8.95 -33.05
CA GLN D 29 31.66 8.51 -33.33
C GLN D 29 31.56 7.00 -33.26
N GLU D 30 32.50 6.29 -33.88
CA GLU D 30 32.46 4.82 -33.90
C GLU D 30 32.43 4.24 -32.49
N LEU D 31 33.31 4.73 -31.60
CA LEU D 31 33.31 4.22 -30.23
C LEU D 31 32.00 4.52 -29.51
N LYS D 32 31.43 5.70 -29.77
CA LYS D 32 30.15 6.04 -29.14
C LYS D 32 29.07 5.00 -29.47
N GLN D 33 29.03 4.54 -30.72
CA GLN D 33 27.98 3.64 -31.20
C GLN D 33 28.15 2.22 -30.69
N ARG D 34 29.40 1.73 -30.61
CA ARG D 34 29.63 0.40 -30.05
C ARG D 34 29.40 0.39 -28.53
N GLN D 35 29.82 1.45 -27.83
CA GLN D 35 29.45 1.58 -26.43
C GLN D 35 27.94 1.53 -26.25
N ARG D 36 27.22 2.27 -27.09
CA ARG D 36 25.76 2.15 -27.11
C ARG D 36 25.33 0.72 -27.35
N ALA D 37 25.91 0.06 -28.36
CA ALA D 37 25.54 -1.32 -28.67
C ALA D 37 25.71 -2.21 -27.46
N GLU D 38 26.82 -2.05 -26.73
CA GLU D 38 27.03 -2.90 -25.57
C GLU D 38 26.16 -2.49 -24.39
N ILE D 39 25.89 -1.19 -24.24
CA ILE D 39 25.00 -0.74 -23.17
C ILE D 39 23.62 -1.37 -23.30
N TYR D 40 23.10 -1.47 -24.53
CA TYR D 40 21.79 -2.07 -24.70
C TYR D 40 21.87 -3.59 -24.66
N ALA D 41 22.95 -4.18 -25.17
CA ALA D 41 23.18 -5.61 -24.94
C ALA D 41 23.08 -5.92 -23.45
N LEU D 42 23.88 -5.22 -22.64
CA LEU D 42 23.90 -5.48 -21.20
C LEU D 42 22.56 -5.10 -20.54
N ASN D 43 21.87 -4.08 -21.05
CA ASN D 43 20.63 -3.72 -20.40
C ASN D 43 19.56 -4.80 -20.60
N ARG D 44 19.50 -5.39 -21.78
CA ARG D 44 18.57 -6.50 -21.99
C ARG D 44 18.90 -7.65 -21.05
N VAL D 45 20.20 -7.94 -20.86
CA VAL D 45 20.60 -9.06 -20.00
C VAL D 45 20.14 -8.83 -18.57
N MET D 46 20.41 -7.63 -18.04
CA MET D 46 20.03 -7.34 -16.66
C MET D 46 18.53 -7.15 -16.47
N THR D 47 17.81 -6.77 -17.53
CA THR D 47 16.35 -6.74 -17.42
C THR D 47 15.78 -8.15 -17.28
N GLU D 48 16.25 -9.09 -18.11
CA GLU D 48 15.82 -10.48 -17.93
C GLU D 48 16.27 -11.02 -16.58
N LEU D 49 17.43 -10.59 -16.08
CA LEU D 49 17.88 -11.06 -14.78
C LEU D 49 16.93 -10.64 -13.69
N GLU D 50 16.78 -9.33 -13.47
CA GLU D 50 15.93 -8.87 -12.38
C GLU D 50 14.51 -9.41 -12.54
N GLN D 51 14.08 -9.64 -13.79
CA GLN D 51 12.78 -10.26 -14.04
C GLN D 51 12.70 -11.67 -13.49
N GLN D 52 13.81 -12.41 -13.51
CA GLN D 52 13.80 -13.82 -13.09
C GLN D 52 13.84 -14.02 -11.58
N GLN D 53 14.37 -13.06 -10.80
CA GLN D 53 14.24 -13.17 -9.36
C GLN D 53 13.00 -12.46 -8.81
N PHE D 54 12.39 -11.55 -9.58
CA PHE D 54 11.05 -11.07 -9.25
C PHE D 54 10.06 -12.23 -9.26
N ASP D 55 10.15 -13.07 -10.28
CA ASP D 55 9.37 -14.30 -10.30
C ASP D 55 9.81 -15.26 -9.21
N GLU D 56 11.12 -15.31 -8.91
CA GLU D 56 11.64 -16.19 -7.86
C GLU D 56 11.07 -15.81 -6.50
N PHE D 57 11.12 -14.51 -6.15
CA PHE D 57 10.54 -13.94 -4.92
C PHE D 57 9.03 -13.90 -4.95
N CYS D 58 8.34 -14.44 -5.95
CA CYS D 58 6.88 -14.48 -5.97
C CYS D 58 6.33 -15.89 -5.78
N LYS D 59 7.17 -16.84 -5.39
CA LYS D 59 6.71 -18.19 -5.06
C LYS D 59 7.35 -18.64 -3.75
N PHE E 4 -4.28 29.16 12.77
CA PHE E 4 -4.41 27.91 13.54
C PHE E 4 -4.02 26.65 12.72
N HIS E 5 -2.72 26.54 12.45
CA HIS E 5 -2.10 25.48 11.66
C HIS E 5 -1.23 24.59 12.54
N VAL E 6 -1.17 23.31 12.20
CA VAL E 6 -0.31 22.36 12.90
C VAL E 6 0.77 21.88 11.94
N ASN E 7 2.02 21.96 12.39
CA ASN E 7 3.15 21.43 11.62
C ASN E 7 3.07 19.90 11.52
N LYS E 8 3.06 19.40 10.29
CA LYS E 8 3.03 17.97 10.01
C LYS E 8 4.17 17.60 9.07
N SER E 9 5.31 18.25 9.26
CA SER E 9 6.43 18.08 8.35
C SER E 9 7.71 17.76 9.08
N GLY E 10 7.68 17.60 10.39
CA GLY E 10 8.91 17.37 11.12
C GLY E 10 9.79 18.60 11.23
N PHE E 11 11.09 18.32 11.41
CA PHE E 11 12.12 19.33 11.64
C PHE E 11 13.35 18.97 10.81
N PRO E 12 13.82 19.86 9.95
CA PRO E 12 13.38 21.25 9.73
C PRO E 12 11.99 21.38 9.13
N ILE E 13 11.29 22.46 9.49
CA ILE E 13 9.95 22.71 8.96
C ILE E 13 10.02 22.94 7.46
N ASP E 14 9.13 22.29 6.71
CA ASP E 14 9.17 22.45 5.27
C ASP E 14 8.69 23.85 4.88
N SER E 15 8.92 24.20 3.62
CA SER E 15 8.73 25.59 3.22
C SER E 15 7.26 25.99 3.10
N HIS E 16 6.33 25.02 3.03
CA HIS E 16 4.92 25.40 2.92
C HIS E 16 4.34 25.81 4.27
N THR E 17 4.63 25.06 5.35
CA THR E 17 4.15 25.48 6.66
C THR E 17 4.85 26.76 7.10
N TRP E 18 6.12 26.92 6.73
CA TRP E 18 6.89 28.08 7.14
C TRP E 18 6.32 29.36 6.54
N GLU E 19 6.32 29.45 5.21
CA GLU E 19 5.77 30.64 4.60
C GLU E 19 4.30 30.86 4.96
N ARG E 20 3.58 29.83 5.37
CA ARG E 20 2.19 30.03 5.73
C ARG E 20 2.06 30.66 7.10
N MET E 21 3.03 30.38 7.98
CA MET E 21 3.07 30.98 9.31
C MET E 21 3.34 32.46 9.21
N TRP E 22 4.17 32.86 8.25
CA TRP E 22 4.50 34.26 8.02
C TRP E 22 3.39 35.03 7.35
N MET E 23 2.47 34.34 6.67
CA MET E 23 1.29 35.01 6.15
C MET E 23 0.22 35.20 7.23
N HIS E 24 0.12 34.25 8.15
CA HIS E 24 -0.62 34.52 9.38
C HIS E 24 0.05 35.64 10.17
N VAL E 25 1.39 35.67 10.18
CA VAL E 25 2.10 36.73 10.90
C VAL E 25 1.89 38.07 10.20
N ALA E 26 2.02 38.10 8.88
CA ALA E 26 1.88 39.36 8.15
C ALA E 26 0.44 39.88 8.17
N LYS E 27 -0.56 39.00 8.24
CA LYS E 27 -1.96 39.43 8.22
C LYS E 27 -2.35 40.21 9.47
N VAL E 28 -2.54 39.50 10.59
CA VAL E 28 -3.16 40.10 11.77
C VAL E 28 -2.21 41.03 12.55
N HIS E 29 -0.91 40.94 12.31
CA HIS E 29 0.03 41.95 12.82
C HIS E 29 -0.24 43.26 12.08
N PRO E 30 -0.68 44.33 12.77
CA PRO E 30 -0.92 45.60 12.06
C PRO E 30 0.33 46.16 11.40
N LYS E 31 1.43 46.33 12.15
CA LYS E 31 2.67 46.83 11.58
C LYS E 31 3.50 45.73 10.92
N GLY E 32 3.08 44.47 11.01
CA GLY E 32 3.75 43.41 10.30
C GLY E 32 3.63 43.56 8.81
N GLY E 33 4.56 42.93 8.10
CA GLY E 33 4.87 43.23 6.73
C GLY E 33 6.08 44.12 6.60
N GLU E 34 6.28 45.00 7.59
CA GLU E 34 7.58 45.58 7.85
C GLU E 34 8.26 44.96 9.07
N MET E 35 7.49 44.40 10.01
CA MET E 35 8.11 43.64 11.08
C MET E 35 8.43 42.21 10.66
N VAL E 36 7.73 41.67 9.65
CA VAL E 36 8.12 40.37 9.10
C VAL E 36 9.47 40.48 8.40
N GLY E 37 9.58 41.41 7.44
CA GLY E 37 10.86 41.67 6.80
C GLY E 37 11.96 41.89 7.82
N ALA E 38 11.62 42.58 8.91
CA ALA E 38 12.56 42.77 9.99
C ALA E 38 13.13 41.44 10.50
N ILE E 39 12.25 40.48 10.77
CA ILE E 39 12.74 39.23 11.36
C ILE E 39 13.30 38.30 10.29
N ARG E 40 12.53 38.06 9.23
CA ARG E 40 12.87 36.99 8.30
C ARG E 40 14.19 37.21 7.61
N ASN E 41 14.55 38.48 7.38
CA ASN E 41 15.80 38.83 6.71
C ASN E 41 16.67 39.71 7.57
N ALA E 42 16.66 39.49 8.89
CA ALA E 42 17.57 40.17 9.80
C ALA E 42 19.02 40.01 9.34
N ALA E 43 19.48 38.74 9.22
CA ALA E 43 20.68 38.25 8.52
C ALA E 43 21.59 37.39 9.39
N PHE E 44 21.56 37.53 10.71
CA PHE E 44 22.39 36.69 11.56
C PHE E 44 21.65 36.29 12.84
N LEU E 45 22.16 35.24 13.49
CA LEU E 45 21.41 34.38 14.39
C LEU E 45 21.31 34.93 15.82
N ALA E 46 20.22 34.57 16.49
CA ALA E 46 20.12 34.69 17.95
C ALA E 46 20.84 33.55 18.65
N LYS E 47 20.41 32.30 18.40
CA LYS E 47 20.77 31.09 19.11
C LYS E 47 20.38 31.24 20.57
N PRO E 48 19.08 31.13 20.89
CA PRO E 48 18.66 31.26 22.29
C PRO E 48 19.18 30.10 23.12
N SER E 49 19.39 30.36 24.40
CA SER E 49 19.85 29.31 25.31
C SER E 49 18.82 28.19 25.38
N ILE E 50 19.30 26.96 25.49
CA ILE E 50 18.46 25.79 25.73
C ILE E 50 18.27 25.67 27.24
N PRO E 51 17.03 25.72 27.74
CA PRO E 51 16.81 25.39 29.16
C PRO E 51 17.00 23.91 29.39
N GLN E 52 17.69 23.59 30.49
CA GLN E 52 17.89 22.21 30.87
C GLN E 52 16.59 21.63 31.43
N VAL E 53 16.35 20.36 31.13
CA VAL E 53 15.13 19.69 31.59
C VAL E 53 15.24 19.39 33.08
N PRO E 54 14.30 19.86 33.90
CA PRO E 54 14.46 19.73 35.35
C PRO E 54 14.36 18.28 35.81
N ASN E 55 15.14 17.97 36.85
CA ASN E 55 15.30 16.62 37.40
C ASN E 55 14.82 16.62 38.84
N TYR E 56 13.98 15.65 39.20
CA TYR E 56 13.38 15.63 40.52
C TYR E 56 14.40 15.11 41.54
N ARG E 57 14.73 15.95 42.54
CA ARG E 57 15.67 15.61 43.59
C ARG E 57 14.92 15.46 44.90
N LEU E 58 15.45 14.66 45.81
CA LEU E 58 14.70 14.37 47.04
C LEU E 58 14.66 15.59 47.97
N SER E 59 15.55 16.56 47.76
CA SER E 59 15.51 17.82 48.50
C SER E 59 14.27 18.64 48.17
N MET E 60 13.55 18.26 47.13
CA MET E 60 12.33 18.94 46.72
C MET E 60 11.09 18.35 47.38
N THR E 61 10.15 19.22 47.71
CA THR E 61 8.78 18.82 47.93
C THR E 61 8.09 18.62 46.58
N ILE E 62 6.89 18.07 46.61
CA ILE E 62 6.15 17.89 45.37
C ILE E 62 5.80 19.27 44.81
N PRO E 63 5.29 20.21 45.61
CA PRO E 63 5.07 21.56 45.07
C PRO E 63 6.33 22.21 44.53
N ASP E 64 7.49 21.93 45.14
CA ASP E 64 8.74 22.46 44.61
C ASP E 64 8.99 21.92 43.21
N TRP E 65 8.76 20.63 43.02
CA TRP E 65 8.94 19.98 41.73
C TRP E 65 7.93 20.50 40.71
N LEU E 66 6.65 20.55 41.08
CA LEU E 66 5.63 21.05 40.16
C LEU E 66 5.98 22.46 39.69
N GLN E 67 6.39 23.32 40.63
CA GLN E 67 6.87 24.65 40.27
C GLN E 67 8.07 24.57 39.30
N ALA E 68 9.03 23.67 39.58
CA ALA E 68 10.18 23.52 38.70
C ALA E 68 9.75 23.13 37.29
N ILE E 69 8.77 22.25 37.20
CA ILE E 69 8.29 21.78 35.91
C ILE E 69 7.65 22.92 35.12
N GLN E 70 6.72 23.65 35.76
CA GLN E 70 6.02 24.73 35.05
C GLN E 70 6.94 25.90 34.76
N ASN E 71 8.00 26.08 35.53
CA ASN E 71 8.98 27.10 35.15
C ASN E 71 9.75 26.65 33.91
N TYR E 72 10.05 25.34 33.79
CA TYR E 72 10.62 24.84 32.54
C TYR E 72 9.72 25.15 31.35
N MET E 73 8.41 24.88 31.48
CA MET E 73 7.48 25.20 30.39
C MET E 73 7.52 26.68 30.05
N LYS E 74 7.40 27.54 31.07
CA LYS E 74 7.44 28.98 30.85
C LYS E 74 8.72 29.43 30.14
N THR E 75 9.85 28.74 30.35
CA THR E 75 11.06 29.07 29.61
C THR E 75 10.96 28.70 28.13
N LEU E 76 10.35 27.55 27.84
CA LEU E 76 10.02 27.24 26.46
C LEU E 76 9.12 28.30 25.86
N GLN E 77 8.34 29.00 26.70
CA GLN E 77 7.43 30.08 26.32
C GLN E 77 6.16 29.55 25.67
N TYR E 78 5.03 30.20 25.90
CA TYR E 78 3.87 29.98 25.05
C TYR E 78 4.17 30.47 23.63
N ASN E 79 3.53 29.82 22.66
CA ASN E 79 3.74 30.11 21.24
C ASN E 79 2.60 30.98 20.71
N HIS E 80 2.93 32.22 20.34
CA HIS E 80 1.96 33.11 19.68
C HIS E 80 2.12 33.09 18.18
N THR E 81 3.00 32.21 17.69
CA THR E 81 3.41 32.17 16.30
C THR E 81 2.26 31.87 15.36
N GLY E 82 1.24 31.14 15.83
CA GLY E 82 0.12 30.78 14.98
C GLY E 82 0.23 29.39 14.39
N THR E 83 1.40 28.79 14.39
CA THR E 83 1.53 27.41 13.93
C THR E 83 2.14 26.58 15.04
N GLN E 84 1.43 25.51 15.38
CA GLN E 84 1.83 24.57 16.41
C GLN E 84 2.93 23.65 15.89
N PHE E 85 4.05 23.58 16.61
CA PHE E 85 5.24 22.97 16.02
C PHE E 85 5.31 21.47 16.21
N PHE E 86 4.92 20.94 17.35
CA PHE E 86 4.85 19.50 17.54
C PHE E 86 3.41 19.05 17.39
N GLU E 87 3.19 17.97 16.64
CA GLU E 87 1.86 17.42 16.49
C GLU E 87 1.58 16.45 17.63
N ILE E 88 0.51 16.74 18.36
CA ILE E 88 -0.07 15.86 19.39
C ILE E 88 -1.41 15.37 18.87
N ARG E 89 -1.45 14.14 18.35
CA ARG E 89 -2.73 13.54 17.99
C ARG E 89 -3.30 12.84 19.21
N LYS E 90 -4.47 13.31 19.65
CA LYS E 90 -4.94 12.97 21.00
C LYS E 90 -5.13 11.48 21.19
N MET E 91 -5.54 10.74 20.15
CA MET E 91 -5.84 9.33 20.36
C MET E 91 -4.61 8.41 20.18
N ARG E 92 -3.42 8.99 20.03
CA ARG E 92 -2.19 8.24 19.89
C ARG E 92 -1.85 7.48 21.18
N PRO E 93 -1.17 6.33 21.10
CA PRO E 93 -0.76 5.63 22.33
C PRO E 93 0.20 6.45 23.19
N LEU E 94 0.05 6.28 24.51
CA LEU E 94 0.81 7.08 25.45
C LEU E 94 2.31 7.02 25.15
N SER E 95 2.83 5.84 24.80
CA SER E 95 4.24 5.74 24.47
C SER E 95 4.60 6.61 23.28
N GLY E 96 3.68 6.76 22.33
CA GLY E 96 3.90 7.67 21.23
C GLY E 96 3.96 9.11 21.69
N LEU E 97 3.03 9.51 22.57
CA LEU E 97 3.04 10.88 23.08
C LEU E 97 4.32 11.16 23.84
N MET E 98 4.79 10.17 24.59
CA MET E 98 6.00 10.36 25.38
C MET E 98 7.21 10.60 24.50
N GLU E 99 7.29 9.88 23.36
CA GLU E 99 8.34 10.17 22.39
C GLU E 99 8.26 11.60 21.88
N THR E 100 7.04 12.10 21.68
CA THR E 100 6.91 13.48 21.23
C THR E 100 7.29 14.45 22.33
N ALA E 101 7.07 14.07 23.60
CA ALA E 101 7.53 14.90 24.70
C ALA E 101 9.04 14.95 24.76
N LYS E 102 9.71 13.81 24.49
CA LYS E 102 11.17 13.82 24.45
C LYS E 102 11.66 14.73 23.32
N GLU E 103 11.06 14.60 22.14
CA GLU E 103 11.37 15.51 21.02
C GLU E 103 11.18 16.98 21.44
N MET E 104 10.06 17.31 22.09
CA MET E 104 9.88 18.68 22.58
C MET E 104 11.04 19.11 23.48
N THR E 105 11.59 18.16 24.25
CA THR E 105 12.76 18.42 25.07
C THR E 105 13.99 18.71 24.23
N ARG E 106 14.25 17.88 23.22
CA ARG E 106 15.45 18.04 22.40
C ARG E 106 15.35 19.28 21.52
N GLU E 107 14.19 19.52 20.91
CA GLU E 107 14.05 20.60 19.93
C GLU E 107 13.86 21.97 20.57
N SER E 108 13.52 22.02 21.87
CA SER E 108 13.33 23.22 22.68
C SER E 108 12.71 24.40 21.91
N LEU E 109 11.39 24.39 21.77
CA LEU E 109 10.66 25.39 21.02
C LEU E 109 9.43 25.82 21.82
N PRO E 110 8.77 26.93 21.48
CA PRO E 110 7.55 27.29 22.21
C PRO E 110 6.46 26.23 22.01
N ILE E 111 5.48 26.25 22.91
CA ILE E 111 4.44 25.24 22.99
C ILE E 111 3.10 25.91 23.25
N LYS E 112 2.02 25.19 22.95
CA LYS E 112 0.68 25.61 23.34
C LYS E 112 0.07 24.63 24.35
N CYS E 113 -1.19 24.82 24.73
CA CYS E 113 -1.80 24.04 25.86
C CYS E 113 -1.62 22.58 25.76
N LEU E 114 -2.08 21.99 24.66
CA LEU E 114 -2.06 20.56 24.58
C LEU E 114 -0.65 20.00 24.60
N GLU E 115 0.28 20.67 23.91
CA GLU E 115 1.69 20.27 24.00
C GLU E 115 2.17 20.27 25.45
N ALA E 116 1.75 21.27 26.25
CA ALA E 116 2.17 21.30 27.65
C ALA E 116 1.60 20.14 28.45
N VAL E 117 0.33 19.79 28.22
CA VAL E 117 -0.26 18.65 28.94
C VAL E 117 0.58 17.39 28.73
N ILE E 118 0.91 17.07 27.47
CA ILE E 118 1.75 15.90 27.20
C ILE E 118 3.09 16.05 27.91
N LEU E 119 3.67 17.25 27.82
CA LEU E 119 4.93 17.52 28.49
C LEU E 119 4.80 17.30 29.99
N GLY E 120 3.77 17.88 30.61
CA GLY E 120 3.54 17.68 32.03
C GLY E 120 3.44 16.22 32.40
N ILE E 121 2.72 15.44 31.59
CA ILE E 121 2.63 14.01 31.83
C ILE E 121 4.02 13.39 31.80
N TYR E 122 4.76 13.62 30.72
CA TYR E 122 6.13 13.13 30.62
C TYR E 122 6.98 13.46 31.84
N LEU E 123 6.87 14.68 32.34
CA LEU E 123 7.77 15.06 33.41
C LEU E 123 7.32 14.57 34.77
N THR E 124 6.09 14.04 34.91
CA THR E 124 5.64 13.56 36.21
C THR E 124 5.49 12.04 36.27
N ASN E 125 6.09 11.33 35.32
CA ASN E 125 5.90 9.89 35.18
C ASN E 125 6.59 9.09 36.30
N GLY E 126 7.65 9.64 36.89
CA GLY E 126 8.42 8.93 37.89
C GLY E 126 8.03 9.21 39.34
N GLN E 127 6.91 9.89 39.57
CA GLN E 127 6.44 10.14 40.94
C GLN E 127 5.10 9.47 41.14
N PRO E 128 5.05 8.29 41.74
CA PRO E 128 3.77 7.58 41.89
C PRO E 128 2.76 8.33 42.75
N SER E 129 3.19 9.30 43.56
CA SER E 129 2.26 10.03 44.41
C SER E 129 1.53 11.14 43.69
N ILE E 130 2.02 11.58 42.53
CA ILE E 130 1.33 12.55 41.70
C ILE E 130 0.43 11.81 40.71
N GLU E 131 -0.87 12.11 40.77
CA GLU E 131 -1.85 11.58 39.83
C GLU E 131 -2.21 12.69 38.86
N ARG E 132 -2.12 12.36 37.58
CA ARG E 132 -2.33 13.29 36.48
C ARG E 132 -3.56 12.88 35.70
N PHE E 133 -4.33 13.85 35.24
CA PHE E 133 -5.53 13.60 34.44
C PHE E 133 -5.85 14.90 33.73
N PRO E 134 -6.23 14.86 32.47
CA PRO E 134 -6.40 16.12 31.74
C PRO E 134 -7.76 16.72 32.08
N ILE E 135 -7.76 18.04 32.17
CA ILE E 135 -8.98 18.83 32.31
C ILE E 135 -9.06 19.70 31.06
N SER E 136 -10.18 19.66 30.36
CA SER E 136 -10.32 20.50 29.18
C SER E 136 -11.63 21.27 29.18
N PHE E 137 -11.58 22.51 28.73
CA PHE E 137 -12.76 23.36 28.71
C PHE E 137 -13.07 23.77 27.28
N LYS E 138 -14.36 23.89 27.02
CA LYS E 138 -14.86 24.62 25.87
C LYS E 138 -15.58 25.83 26.43
N THR E 139 -15.10 27.02 26.09
CA THR E 139 -15.72 28.26 26.52
C THR E 139 -16.23 29.03 25.32
N TYR E 140 -17.04 30.04 25.61
CA TYR E 140 -17.66 30.94 24.65
C TYR E 140 -17.21 32.37 24.91
N PHE E 141 -17.01 33.15 23.84
CA PHE E 141 -16.63 34.55 23.99
C PHE E 141 -16.87 35.29 22.68
N SER E 142 -17.63 36.39 22.75
CA SER E 142 -17.88 37.30 21.62
C SER E 142 -18.14 36.55 20.30
N GLY E 143 -19.14 35.67 20.33
CA GLY E 143 -19.57 34.92 19.17
C GLY E 143 -18.93 33.56 18.95
N ASN E 144 -17.73 33.30 19.48
CA ASN E 144 -16.95 32.12 19.11
C ASN E 144 -16.66 31.16 20.26
N TYR E 145 -16.55 29.87 19.92
CA TYR E 145 -16.21 28.82 20.85
C TYR E 145 -14.69 28.62 20.87
N PHE E 146 -14.14 28.38 22.07
CA PHE E 146 -12.71 28.22 22.28
C PHE E 146 -12.45 26.99 23.14
N HIS E 147 -11.28 26.37 22.94
CA HIS E 147 -10.97 25.05 23.47
C HIS E 147 -9.64 25.12 24.19
N HIS E 148 -9.62 24.58 25.40
CA HIS E 148 -8.42 24.70 26.19
C HIS E 148 -8.29 23.45 27.03
N VAL E 149 -7.07 23.18 27.47
CA VAL E 149 -6.75 21.98 28.20
C VAL E 149 -5.58 22.28 29.11
N VAL E 150 -5.68 21.77 30.34
CA VAL E 150 -4.62 21.79 31.32
C VAL E 150 -4.47 20.37 31.84
N LEU E 151 -3.39 20.13 32.57
CA LEU E 151 -3.14 18.85 33.23
C LEU E 151 -3.61 18.98 34.68
N GLY E 152 -4.69 18.29 35.02
CA GLY E 152 -5.09 18.21 36.41
C GLY E 152 -4.09 17.39 37.20
N ILE E 153 -3.84 17.81 38.44
CA ILE E 153 -2.89 17.18 39.33
C ILE E 153 -3.61 16.85 40.64
N TYR E 154 -3.52 15.59 41.09
CA TYR E 154 -3.97 15.23 42.44
C TYR E 154 -2.83 14.57 43.21
N CYS E 155 -2.61 15.01 44.46
CA CYS E 155 -1.54 14.43 45.26
C CYS E 155 -1.83 14.67 46.73
N ASN E 156 -1.71 13.61 47.54
CA ASN E 156 -2.03 13.66 48.99
C ASN E 156 -3.21 14.57 49.23
N GLY E 157 -4.42 14.15 48.84
CA GLY E 157 -5.64 14.91 49.15
C GLY E 157 -5.74 16.36 48.69
N ARG E 158 -5.00 16.76 47.65
CA ARG E 158 -5.09 18.13 47.16
C ARG E 158 -5.03 18.16 45.64
N TYR E 159 -5.71 19.16 45.07
CA TYR E 159 -5.87 19.27 43.63
C TYR E 159 -5.08 20.46 43.11
N GLY E 160 -4.69 20.40 41.84
CA GLY E 160 -3.98 21.50 41.24
C GLY E 160 -3.86 21.26 39.76
N SER E 161 -3.05 22.08 39.11
CA SER E 161 -2.89 21.91 37.67
C SER E 161 -1.53 22.40 37.20
N LEU E 162 -1.00 21.71 36.19
CA LEU E 162 0.01 22.22 35.29
C LEU E 162 -0.68 22.61 33.98
N GLY E 163 -0.03 23.49 33.22
CA GLY E 163 -0.47 23.76 31.87
C GLY E 163 0.15 25.03 31.32
N MET E 164 -0.19 25.32 30.07
CA MET E 164 0.33 26.52 29.45
C MET E 164 -0.82 27.31 28.85
N SER E 165 -0.69 28.63 28.89
CA SER E 165 -1.70 29.51 28.32
C SER E 165 -1.08 30.87 28.08
N ARG E 166 -1.82 31.68 27.34
CA ARG E 166 -1.48 33.09 27.17
C ARG E 166 -1.82 33.88 28.41
N ARG E 167 -2.83 33.42 29.15
CA ARG E 167 -3.26 34.09 30.36
C ARG E 167 -2.73 33.37 31.59
N ALA E 168 -2.08 34.13 32.48
CA ALA E 168 -1.44 33.56 33.66
C ALA E 168 -2.41 32.82 34.54
N GLU E 169 -3.70 33.17 34.46
CA GLU E 169 -4.72 32.58 35.33
C GLU E 169 -5.34 31.30 34.75
N LEU E 170 -5.00 30.88 33.53
CA LEU E 170 -5.58 29.65 33.02
C LEU E 170 -4.52 28.57 32.74
N MET E 171 -3.58 28.37 33.68
CA MET E 171 -2.53 27.36 33.51
C MET E 171 -2.26 26.63 34.83
N ASP E 172 -1.09 26.88 35.43
CA ASP E 172 -0.74 26.31 36.73
C ASP E 172 -1.63 26.87 37.84
N LYS E 173 -2.02 25.98 38.77
CA LYS E 173 -2.65 26.31 40.06
C LYS E 173 -2.02 25.39 41.08
N PRO E 174 -1.54 25.91 42.20
CA PRO E 174 -0.83 25.09 43.19
C PRO E 174 -1.77 24.12 43.88
N LEU E 175 -1.19 23.14 44.58
CA LEU E 175 -1.99 22.11 45.26
C LEU E 175 -2.54 22.66 46.57
N THR E 176 -3.56 23.50 46.45
CA THR E 176 -4.25 24.01 47.62
C THR E 176 -5.73 23.69 47.61
N PHE E 177 -6.22 22.94 46.63
CA PHE E 177 -7.64 22.78 46.41
C PHE E 177 -8.11 21.46 47.03
N ARG E 178 -9.09 21.54 47.93
CA ARG E 178 -9.51 20.35 48.64
C ARG E 178 -10.52 19.52 47.87
N THR E 179 -11.18 20.06 46.86
CA THR E 179 -12.02 19.26 46.00
C THR E 179 -11.55 19.43 44.57
N LEU E 180 -11.90 18.49 43.71
CA LEU E 180 -11.86 18.77 42.28
C LEU E 180 -12.74 19.98 41.93
N SER E 181 -13.92 20.07 42.56
CA SER E 181 -14.83 21.18 42.27
C SER E 181 -14.15 22.54 42.48
N ASP E 182 -13.48 22.72 43.61
CA ASP E 182 -12.83 24.00 43.89
C ASP E 182 -11.85 24.37 42.80
N LEU E 183 -11.10 23.37 42.29
CA LEU E 183 -10.22 23.60 41.15
C LEU E 183 -11.01 24.04 39.95
N ILE E 184 -12.00 23.22 39.55
CA ILE E 184 -12.81 23.53 38.39
C ILE E 184 -13.42 24.92 38.54
N PHE E 185 -13.94 25.21 39.72
CA PHE E 185 -14.58 26.51 39.91
C PHE E 185 -13.58 27.64 39.90
N ASP E 186 -12.33 27.38 40.31
CA ASP E 186 -11.31 28.41 40.14
C ASP E 186 -11.08 28.72 38.67
N PHE E 187 -11.02 27.69 37.81
CA PHE E 187 -10.90 27.93 36.37
C PHE E 187 -12.10 28.70 35.85
N GLU E 188 -13.33 28.22 36.17
CA GLU E 188 -14.52 28.92 35.71
C GLU E 188 -14.49 30.39 36.07
N ASP E 189 -13.98 30.70 37.26
CA ASP E 189 -13.96 32.10 37.68
C ASP E 189 -12.83 32.87 37.03
N SER E 190 -11.70 32.20 36.76
CA SER E 190 -10.63 32.86 36.03
C SER E 190 -11.08 33.19 34.61
N TYR E 191 -11.87 32.30 34.00
CA TYR E 191 -12.44 32.57 32.69
C TYR E 191 -13.42 33.74 32.70
N LYS E 192 -14.09 33.98 33.82
CA LYS E 192 -15.08 35.05 33.83
C LYS E 192 -14.41 36.42 33.88
N LYS E 193 -13.20 36.51 34.48
CA LYS E 193 -12.45 37.76 34.41
C LYS E 193 -12.08 38.12 32.98
N TYR E 194 -12.12 37.16 32.06
CA TYR E 194 -11.91 37.40 30.64
C TYR E 194 -13.21 37.40 29.82
N LEU E 195 -14.37 37.45 30.50
CA LEU E 195 -15.69 37.46 29.83
C LEU E 195 -15.96 36.16 29.07
N HIS E 196 -15.33 35.06 29.49
CA HIS E 196 -15.61 33.75 28.92
C HIS E 196 -16.65 33.03 29.76
N THR E 197 -17.66 32.49 29.08
CA THR E 197 -18.64 31.60 29.69
C THR E 197 -18.17 30.18 29.44
N VAL E 198 -17.96 29.42 30.52
CA VAL E 198 -17.54 28.03 30.37
C VAL E 198 -18.73 27.19 29.91
N LYS E 199 -18.63 26.57 28.74
CA LYS E 199 -19.78 25.86 28.18
C LYS E 199 -19.79 24.38 28.56
N LYS E 200 -18.67 23.67 28.39
CA LYS E 200 -18.56 22.27 28.79
C LYS E 200 -17.21 22.06 29.47
N VAL E 201 -17.12 21.00 30.29
CA VAL E 201 -15.88 20.62 30.94
C VAL E 201 -15.67 19.13 30.71
N LYS E 202 -14.42 18.74 30.45
CA LYS E 202 -14.07 17.35 30.19
C LYS E 202 -12.94 16.96 31.14
N ILE E 203 -13.16 15.88 31.89
CA ILE E 203 -12.19 15.36 32.83
C ILE E 203 -11.82 13.97 32.35
N GLY E 204 -10.53 13.76 32.05
CA GLY E 204 -10.02 12.45 31.70
C GLY E 204 -9.84 11.54 32.91
N LEU E 205 -9.22 10.37 32.66
CA LEU E 205 -8.87 9.46 33.74
C LEU E 205 -7.44 9.69 34.21
N TYR E 206 -7.10 9.13 35.36
CA TYR E 206 -5.70 9.14 35.77
C TYR E 206 -4.86 8.54 34.65
N VAL E 207 -3.77 9.21 34.31
CA VAL E 207 -2.85 8.73 33.26
C VAL E 207 -1.86 7.74 33.87
N PRO E 208 -1.85 6.50 33.42
CA PRO E 208 -0.88 5.51 33.95
C PRO E 208 0.55 6.06 33.98
N HIS E 209 1.30 5.66 34.99
CA HIS E 209 2.67 6.14 35.11
C HIS E 209 3.63 5.33 34.26
N GLU E 210 3.09 4.47 33.40
CA GLU E 210 3.80 3.59 32.46
C GLU E 210 4.12 4.31 31.15
N PRO E 211 5.34 4.81 30.97
CA PRO E 211 5.68 5.40 29.66
C PRO E 211 5.56 4.42 28.52
N HIS E 212 5.99 3.16 28.71
CA HIS E 212 5.72 2.12 27.73
C HIS E 212 4.27 1.69 27.89
N SER E 213 3.42 2.07 26.94
CA SER E 213 2.00 1.67 27.00
C SER E 213 1.25 2.06 25.73
N PHE E 214 0.80 1.03 24.99
CA PHE E 214 -0.09 1.23 23.83
C PHE E 214 -1.35 2.02 24.13
N GLN E 215 -1.76 2.14 25.40
CA GLN E 215 -3.09 2.69 25.57
C GLN E 215 -3.09 4.22 25.40
N PRO E 216 -4.13 4.76 24.81
CA PRO E 216 -4.23 6.22 24.72
C PRO E 216 -4.82 6.85 25.98
N ILE E 217 -4.44 8.10 26.20
CA ILE E 217 -5.05 8.91 27.23
C ILE E 217 -6.55 8.98 27.01
N GLU E 218 -7.33 8.79 28.08
CA GLU E 218 -8.76 9.08 28.08
C GLU E 218 -9.01 10.54 28.50
N TRP E 219 -9.54 11.36 27.57
CA TRP E 219 -9.79 12.81 27.73
C TRP E 219 -11.21 13.17 28.19
N LYS E 220 -12.17 12.26 28.11
CA LYS E 220 -13.57 12.63 28.27
C LYS E 220 -14.34 11.57 29.03
N GLN E 221 -13.76 11.03 30.11
CA GLN E 221 -14.52 10.09 30.93
C GLN E 221 -15.77 10.74 31.51
N LEU E 222 -15.69 12.03 31.83
CA LEU E 222 -16.77 12.80 32.44
C LEU E 222 -16.89 14.11 31.67
N VAL E 223 -18.09 14.40 31.17
CA VAL E 223 -18.29 15.62 30.38
C VAL E 223 -19.59 16.28 30.85
N LEU E 224 -19.49 17.53 31.29
CA LEU E 224 -20.57 18.29 31.90
C LEU E 224 -20.82 19.59 31.15
N ASN E 225 -22.09 19.85 30.78
CA ASN E 225 -22.46 21.16 30.21
C ASN E 225 -22.74 22.17 31.32
N VAL E 226 -21.65 22.62 31.95
CA VAL E 226 -21.71 23.57 33.04
C VAL E 226 -22.45 24.84 32.64
N SER E 227 -22.56 25.10 31.33
CA SER E 227 -23.32 26.23 30.81
C SER E 227 -24.73 26.22 31.32
N LYS E 228 -25.37 25.04 31.33
CA LYS E 228 -26.78 24.92 31.64
C LYS E 228 -27.03 24.15 32.95
N MET E 229 -26.09 24.28 33.90
CA MET E 229 -26.16 23.62 35.20
C MET E 229 -25.94 24.59 36.36
N LEU E 230 -26.52 24.26 37.52
CA LEU E 230 -26.29 25.03 38.74
C LEU E 230 -25.02 24.56 39.47
N ARG E 231 -24.39 25.48 40.21
CA ARG E 231 -23.18 25.12 40.97
C ARG E 231 -23.38 23.85 41.79
N ALA E 232 -24.52 23.73 42.47
CA ALA E 232 -24.74 22.56 43.31
C ALA E 232 -24.61 21.28 42.50
N ASP E 233 -25.21 21.26 41.31
CA ASP E 233 -25.24 20.04 40.51
C ASP E 233 -23.89 19.75 39.89
N ILE E 234 -23.14 20.79 39.49
CA ILE E 234 -21.81 20.60 38.94
C ILE E 234 -20.87 19.99 39.99
N ARG E 235 -20.96 20.48 41.22
CA ARG E 235 -20.11 19.98 42.29
C ARG E 235 -20.41 18.51 42.59
N LYS E 236 -21.70 18.18 42.80
CA LYS E 236 -22.10 16.79 43.03
C LYS E 236 -21.51 15.86 41.96
N GLU E 237 -21.71 16.18 40.68
CA GLU E 237 -21.15 15.37 39.62
C GLU E 237 -19.62 15.35 39.69
N LEU E 238 -19.01 16.51 39.87
CA LEU E 238 -17.55 16.58 39.95
C LEU E 238 -17.04 15.75 41.12
N GLU E 239 -17.64 15.92 42.31
CA GLU E 239 -17.09 15.27 43.49
C GLU E 239 -17.30 13.77 43.46
N LYS E 240 -18.40 13.30 42.84
CA LYS E 240 -18.61 11.86 42.71
C LYS E 240 -17.60 11.26 41.74
N TYR E 241 -17.35 11.93 40.63
CA TYR E 241 -16.35 11.43 39.71
C TYR E 241 -14.97 11.42 40.37
N ALA E 242 -14.68 12.44 41.17
CA ALA E 242 -13.37 12.52 41.79
C ALA E 242 -13.17 11.39 42.78
N ARG E 243 -14.20 11.11 43.59
CA ARG E 243 -14.11 10.01 44.53
C ARG E 243 -13.91 8.70 43.78
N ASP E 244 -14.57 8.56 42.62
CA ASP E 244 -14.40 7.38 41.79
C ASP E 244 -12.95 7.20 41.37
N MET E 245 -12.32 8.26 40.84
CA MET E 245 -10.93 8.14 40.43
C MET E 245 -10.04 7.83 41.62
N ARG E 246 -10.37 8.38 42.78
CA ARG E 246 -9.53 8.24 43.95
C ARG E 246 -9.54 6.80 44.46
N MET E 247 -10.71 6.15 44.47
CA MET E 247 -10.83 4.78 44.93
C MET E 247 -10.59 3.75 43.83
N LYS E 248 -10.04 4.17 42.69
CA LYS E 248 -9.67 3.25 41.60
C LYS E 248 -10.84 2.33 41.24
N ILE E 249 -12.02 2.93 41.03
CA ILE E 249 -13.23 2.17 40.67
C ILE E 249 -13.41 1.98 39.14
N ALA F 27 23.90 17.78 6.72
CA ALA F 27 24.26 19.18 6.99
C ALA F 27 23.03 19.99 7.43
N GLN F 28 22.10 19.30 8.10
CA GLN F 28 20.75 19.79 8.32
C GLN F 28 20.53 20.51 9.65
N GLN F 29 21.29 20.18 10.71
CA GLN F 29 21.11 20.83 12.01
C GLN F 29 21.40 22.32 11.98
N GLU F 30 21.99 22.84 10.89
CA GLU F 30 22.10 24.30 10.77
C GLU F 30 20.73 24.92 10.52
N LEU F 31 19.91 24.28 9.69
CA LEU F 31 18.61 24.85 9.33
C LEU F 31 17.66 24.88 10.52
N LYS F 32 17.68 23.82 11.34
CA LYS F 32 16.87 23.83 12.56
C LYS F 32 17.26 24.97 13.47
N GLN F 33 18.56 25.06 13.82
CA GLN F 33 19.02 26.07 14.78
C GLN F 33 18.75 27.47 14.28
N ARG F 34 18.87 27.69 12.97
CA ARG F 34 18.52 29.00 12.43
C ARG F 34 17.02 29.23 12.49
N GLN F 35 16.24 28.22 12.12
CA GLN F 35 14.80 28.34 12.22
C GLN F 35 14.37 28.49 13.68
N ARG F 36 15.08 27.82 14.59
CA ARG F 36 14.82 27.97 16.01
C ARG F 36 15.00 29.42 16.44
N ALA F 37 16.16 29.99 16.10
CA ALA F 37 16.46 31.38 16.41
C ALA F 37 15.37 32.30 15.89
N GLU F 38 14.84 32.01 14.71
CA GLU F 38 13.92 32.94 14.09
C GLU F 38 12.53 32.83 14.73
N ILE F 39 12.16 31.64 15.17
CA ILE F 39 10.87 31.47 15.84
C ILE F 39 10.83 32.29 17.11
N TYR F 40 11.82 32.10 18.01
CA TYR F 40 11.81 32.82 19.28
C TYR F 40 11.84 34.32 19.03
N ALA F 41 12.71 34.76 18.11
CA ALA F 41 12.70 36.15 17.71
C ALA F 41 11.33 36.60 17.23
N LEU F 42 10.60 35.72 16.53
CA LEU F 42 9.25 36.09 16.12
C LEU F 42 8.28 36.00 17.29
N ASN F 43 8.44 34.99 18.14
CA ASN F 43 7.63 34.88 19.35
C ASN F 43 7.82 36.10 20.25
N ARG F 44 9.09 36.53 20.42
CA ARG F 44 9.41 37.74 21.19
C ARG F 44 8.82 38.99 20.58
N VAL F 45 8.17 38.90 19.43
CA VAL F 45 7.55 40.05 18.77
C VAL F 45 6.03 39.98 18.86
N MET F 46 5.47 38.77 18.83
CA MET F 46 4.01 38.55 18.92
C MET F 46 3.56 38.62 20.36
N THR F 47 4.39 38.10 21.23
CA THR F 47 4.39 38.60 22.61
C THR F 47 3.76 39.98 22.72
N GLU F 48 4.43 40.94 22.05
CA GLU F 48 4.20 42.35 22.30
C GLU F 48 2.91 42.84 21.64
N LEU F 49 2.69 42.45 20.38
CA LEU F 49 1.40 42.74 19.75
C LEU F 49 0.25 42.34 20.66
N GLU F 50 0.33 41.15 21.26
CA GLU F 50 -0.76 40.71 22.11
C GLU F 50 -0.79 41.49 23.40
N GLN F 51 0.38 41.91 23.90
CA GLN F 51 0.39 42.82 25.03
C GLN F 51 -0.31 44.13 24.67
N GLN F 52 0.14 44.78 23.59
CA GLN F 52 -0.40 46.08 23.14
C GLN F 52 -1.77 45.95 22.49
N GLN F 53 -2.34 44.74 22.48
CA GLN F 53 -3.73 44.52 22.10
C GLN F 53 -4.60 44.27 23.33
N PHE F 54 -4.18 43.38 24.24
CA PHE F 54 -4.90 43.18 25.49
C PHE F 54 -4.96 44.46 26.30
N ASP F 55 -3.92 45.31 26.19
CA ASP F 55 -3.94 46.62 26.83
C ASP F 55 -4.89 47.57 26.10
N GLU F 56 -4.76 47.68 24.77
CA GLU F 56 -5.63 48.55 24.01
C GLU F 56 -7.09 48.07 24.01
N PHE F 57 -7.34 46.81 24.37
CA PHE F 57 -8.69 46.28 24.55
C PHE F 57 -9.13 46.34 26.03
N CYS F 58 -8.38 47.08 26.83
CA CYS F 58 -8.75 47.38 28.24
C CYS F 58 -8.75 48.88 28.46
N PHE G 4 9.85 -22.73 -46.34
CA PHE G 4 9.54 -23.15 -44.97
C PHE G 4 10.15 -24.53 -44.61
N HIS G 5 11.20 -24.50 -43.79
CA HIS G 5 11.90 -25.70 -43.32
C HIS G 5 11.22 -26.28 -42.09
N VAL G 6 11.29 -27.60 -41.96
CA VAL G 6 10.74 -28.33 -40.82
C VAL G 6 11.80 -29.29 -40.32
N ASN G 7 11.89 -29.44 -38.99
CA ASN G 7 12.81 -30.40 -38.40
C ASN G 7 12.13 -31.76 -38.18
N LYS G 8 12.75 -32.81 -38.70
CA LYS G 8 12.22 -34.17 -38.60
C LYS G 8 13.17 -35.11 -37.88
N SER G 9 14.20 -34.58 -37.23
CA SER G 9 15.22 -35.37 -36.56
C SER G 9 15.04 -35.39 -35.04
N GLY G 10 13.94 -34.83 -34.53
CA GLY G 10 13.75 -34.78 -33.09
C GLY G 10 14.78 -33.90 -32.41
N PHE G 11 15.21 -34.33 -31.22
CA PHE G 11 16.08 -33.57 -30.35
C PHE G 11 17.07 -34.48 -29.63
N PRO G 12 18.34 -34.08 -29.55
CA PRO G 12 18.90 -32.85 -30.13
C PRO G 12 18.91 -32.86 -31.67
N ILE G 13 18.79 -31.68 -32.28
CA ILE G 13 18.60 -31.59 -33.74
C ILE G 13 19.86 -32.03 -34.47
N ASP G 14 19.68 -32.87 -35.49
CA ASP G 14 20.79 -33.34 -36.32
C ASP G 14 21.49 -32.15 -37.00
N SER G 15 22.61 -32.47 -37.66
CA SER G 15 23.47 -31.42 -38.20
C SER G 15 22.85 -30.75 -39.42
N HIS G 16 22.36 -31.53 -40.39
CA HIS G 16 21.92 -30.96 -41.66
C HIS G 16 20.78 -29.98 -41.47
N THR G 17 19.82 -30.31 -40.60
CA THR G 17 18.70 -29.41 -40.34
C THR G 17 19.15 -28.19 -39.55
N TRP G 18 20.11 -28.37 -38.64
CA TRP G 18 20.65 -27.24 -37.88
C TRP G 18 21.25 -26.19 -38.82
N GLU G 19 22.16 -26.61 -39.70
CA GLU G 19 22.85 -25.63 -40.55
C GLU G 19 21.93 -25.08 -41.65
N ARG G 20 20.97 -25.87 -42.12
CA ARG G 20 19.95 -25.35 -43.02
C ARG G 20 19.25 -24.15 -42.38
N MET G 21 18.92 -24.27 -41.11
CA MET G 21 18.37 -23.14 -40.37
C MET G 21 19.30 -21.95 -40.47
N TRP G 22 20.55 -22.10 -40.03
CA TRP G 22 21.47 -20.96 -39.96
C TRP G 22 21.72 -20.34 -41.33
N MET G 23 21.76 -21.13 -42.40
CA MET G 23 22.00 -20.52 -43.71
C MET G 23 20.79 -19.72 -44.19
N HIS G 24 19.59 -20.06 -43.73
CA HIS G 24 18.39 -19.32 -44.13
C HIS G 24 18.38 -17.93 -43.50
N VAL G 25 18.52 -17.87 -42.18
CA VAL G 25 18.61 -16.59 -41.47
C VAL G 25 19.73 -15.73 -42.06
N ALA G 26 20.81 -16.37 -42.54
CA ALA G 26 21.92 -15.65 -43.16
C ALA G 26 21.45 -14.80 -44.33
N LYS G 27 20.55 -15.35 -45.16
CA LYS G 27 19.99 -14.57 -46.26
C LYS G 27 19.03 -13.49 -45.75
N VAL G 28 18.06 -13.87 -44.91
CA VAL G 28 16.96 -12.99 -44.51
C VAL G 28 17.44 -11.75 -43.75
N HIS G 29 18.53 -11.86 -42.98
CA HIS G 29 19.04 -10.81 -42.11
C HIS G 29 20.05 -9.93 -42.86
N PRO G 30 19.92 -8.60 -42.81
CA PRO G 30 20.79 -7.73 -43.65
C PRO G 30 22.27 -7.83 -43.34
N LYS G 31 22.63 -7.96 -42.06
CA LYS G 31 23.99 -8.22 -41.66
C LYS G 31 24.21 -9.68 -41.26
N GLY G 32 23.38 -10.59 -41.80
CA GLY G 32 23.46 -11.98 -41.39
C GLY G 32 24.79 -12.61 -41.75
N GLY G 33 25.19 -13.61 -40.97
CA GLY G 33 26.51 -14.17 -41.18
C GLY G 33 27.49 -13.64 -40.17
N GLU G 34 27.69 -12.32 -40.16
CA GLU G 34 28.21 -11.66 -38.96
C GLU G 34 27.27 -11.91 -37.78
N MET G 35 25.96 -11.88 -38.05
CA MET G 35 24.97 -12.11 -37.02
C MET G 35 24.93 -13.58 -36.60
N VAL G 36 24.89 -14.49 -37.58
CA VAL G 36 24.93 -15.91 -37.26
C VAL G 36 26.19 -16.23 -36.45
N GLY G 37 27.33 -15.68 -36.87
CA GLY G 37 28.59 -16.00 -36.20
C GLY G 37 28.63 -15.60 -34.74
N ALA G 38 28.02 -14.47 -34.41
CA ALA G 38 28.10 -13.98 -33.03
C ALA G 38 27.41 -14.92 -32.05
N ILE G 39 26.29 -15.53 -32.45
CA ILE G 39 25.59 -16.47 -31.57
C ILE G 39 26.32 -17.80 -31.51
N ARG G 40 26.71 -18.33 -32.67
CA ARG G 40 27.26 -19.68 -32.70
C ARG G 40 28.65 -19.73 -32.06
N ASN G 41 29.49 -18.72 -32.33
CA ASN G 41 30.83 -18.70 -31.75
C ASN G 41 30.86 -18.09 -30.36
N ALA G 42 29.71 -17.73 -29.79
CA ALA G 42 29.68 -17.12 -28.47
C ALA G 42 30.04 -18.15 -27.39
N ALA G 43 30.93 -17.75 -26.48
CA ALA G 43 31.38 -18.66 -25.43
C ALA G 43 30.37 -18.81 -24.30
N PHE G 44 29.38 -17.93 -24.24
CA PHE G 44 28.30 -18.04 -23.27
C PHE G 44 27.02 -17.51 -23.91
N LEU G 45 25.89 -18.16 -23.59
CA LEU G 45 24.56 -17.61 -23.88
C LEU G 45 23.62 -17.98 -22.75
N ALA G 46 22.86 -17.00 -22.28
CA ALA G 46 21.89 -17.23 -21.21
C ALA G 46 20.98 -18.40 -21.56
N LYS G 47 20.80 -19.30 -20.59
CA LYS G 47 19.82 -20.34 -20.78
C LYS G 47 18.46 -19.79 -20.38
N PRO G 48 17.44 -19.96 -21.22
CA PRO G 48 16.14 -19.30 -20.96
C PRO G 48 15.39 -19.97 -19.83
N SER G 49 14.57 -19.18 -19.16
CA SER G 49 13.72 -19.75 -18.12
C SER G 49 12.69 -20.69 -18.76
N ILE G 50 12.52 -21.87 -18.17
CA ILE G 50 11.62 -22.90 -18.70
C ILE G 50 10.24 -22.69 -18.08
N PRO G 51 9.22 -22.32 -18.86
CA PRO G 51 7.91 -22.03 -18.26
C PRO G 51 7.23 -23.29 -17.78
N GLN G 52 6.52 -23.13 -16.67
CA GLN G 52 5.73 -24.22 -16.12
C GLN G 52 4.51 -24.51 -16.99
N VAL G 53 4.18 -25.79 -17.13
CA VAL G 53 2.97 -26.20 -17.83
C VAL G 53 1.77 -25.96 -16.90
N PRO G 54 0.77 -25.19 -17.32
CA PRO G 54 -0.30 -24.80 -16.40
C PRO G 54 -1.37 -25.89 -16.29
N ASN G 55 -1.99 -25.98 -15.11
CA ASN G 55 -2.98 -27.00 -14.85
C ASN G 55 -4.27 -26.39 -14.30
N TYR G 56 -5.41 -26.92 -14.73
CA TYR G 56 -6.70 -26.43 -14.26
C TYR G 56 -6.90 -26.81 -12.78
N ARG G 57 -7.25 -25.82 -11.97
CA ARG G 57 -7.58 -26.01 -10.56
C ARG G 57 -8.96 -25.42 -10.31
N LEU G 58 -9.69 -26.03 -9.37
CA LEU G 58 -11.07 -25.62 -9.09
C LEU G 58 -11.15 -24.14 -8.73
N SER G 59 -10.07 -23.56 -8.20
CA SER G 59 -10.04 -22.17 -7.79
C SER G 59 -10.18 -21.18 -8.94
N MET G 60 -9.99 -21.60 -10.18
CA MET G 60 -9.95 -20.66 -11.29
C MET G 60 -11.11 -20.92 -12.21
N THR G 61 -11.66 -19.84 -12.74
CA THR G 61 -12.72 -19.92 -13.72
C THR G 61 -12.19 -20.49 -15.04
N ILE G 62 -13.10 -20.88 -15.92
CA ILE G 62 -12.68 -21.34 -17.25
C ILE G 62 -11.96 -20.22 -17.99
N PRO G 63 -12.43 -18.97 -18.01
CA PRO G 63 -11.68 -17.92 -18.74
C PRO G 63 -10.29 -17.63 -18.17
N ASP G 64 -10.10 -17.71 -16.84
CA ASP G 64 -8.76 -17.59 -16.29
C ASP G 64 -7.90 -18.77 -16.72
N TRP G 65 -8.47 -19.98 -16.69
CA TRP G 65 -7.83 -21.17 -17.23
C TRP G 65 -7.32 -20.92 -18.66
N LEU G 66 -8.17 -20.42 -19.54
CA LEU G 66 -7.75 -20.24 -20.92
C LEU G 66 -6.63 -19.22 -21.03
N GLN G 67 -6.73 -18.10 -20.29
CA GLN G 67 -5.65 -17.11 -20.30
C GLN G 67 -4.32 -17.70 -19.79
N ALA G 68 -4.37 -18.58 -18.80
CA ALA G 68 -3.12 -19.24 -18.36
C ALA G 68 -2.49 -20.03 -19.51
N ILE G 69 -3.30 -20.78 -20.26
CA ILE G 69 -2.79 -21.61 -21.35
C ILE G 69 -2.13 -20.74 -22.41
N GLN G 70 -2.83 -19.70 -22.86
CA GLN G 70 -2.31 -18.85 -23.90
C GLN G 70 -1.10 -18.06 -23.45
N ASN G 71 -1.03 -17.71 -22.16
CA ASN G 71 0.18 -17.12 -21.60
C ASN G 71 1.35 -18.10 -21.67
N TYR G 72 1.09 -19.38 -21.42
CA TYR G 72 2.15 -20.39 -21.52
C TYR G 72 2.73 -20.42 -22.93
N MET G 73 1.87 -20.43 -23.94
CA MET G 73 2.34 -20.45 -25.32
C MET G 73 3.08 -19.19 -25.68
N LYS G 74 2.49 -18.03 -25.38
CA LYS G 74 3.16 -16.76 -25.61
C LYS G 74 4.54 -16.74 -24.98
N THR G 75 4.68 -17.28 -23.77
CA THR G 75 5.99 -17.40 -23.13
C THR G 75 6.93 -18.33 -23.92
N LEU G 76 6.38 -19.37 -24.55
CA LEU G 76 7.21 -20.19 -25.45
C LEU G 76 7.69 -19.39 -26.65
N GLN G 77 6.93 -18.36 -27.05
CA GLN G 77 7.22 -17.45 -28.16
C GLN G 77 6.88 -18.00 -29.54
N TYR G 78 6.52 -17.12 -30.46
CA TYR G 78 6.40 -17.48 -31.86
C TYR G 78 7.78 -17.73 -32.48
N ASN G 79 7.81 -18.63 -33.47
CA ASN G 79 9.03 -19.09 -34.12
C ASN G 79 9.33 -18.23 -35.33
N HIS G 80 10.20 -17.24 -35.15
CA HIS G 80 10.61 -16.39 -36.25
C HIS G 80 11.85 -16.92 -36.96
N THR G 81 12.31 -18.13 -36.63
CA THR G 81 13.61 -18.62 -37.10
C THR G 81 13.54 -19.41 -38.40
N GLY G 82 12.44 -19.32 -39.13
CA GLY G 82 12.39 -19.95 -40.45
C GLY G 82 12.27 -21.47 -40.46
N THR G 83 12.96 -22.15 -39.54
CA THR G 83 12.86 -23.61 -39.40
C THR G 83 11.86 -23.93 -38.29
N GLN G 84 10.79 -24.65 -38.64
CA GLN G 84 9.77 -25.09 -37.69
C GLN G 84 10.30 -26.28 -36.89
N PHE G 85 10.10 -26.27 -35.57
CA PHE G 85 10.91 -27.17 -34.76
C PHE G 85 10.24 -28.51 -34.41
N PHE G 86 8.89 -28.59 -34.40
CA PHE G 86 8.17 -29.83 -34.12
C PHE G 86 7.30 -30.17 -35.34
N GLU G 87 7.62 -31.26 -36.02
CA GLU G 87 6.84 -31.65 -37.19
C GLU G 87 5.44 -32.10 -36.77
N ILE G 88 4.41 -31.50 -37.38
CA ILE G 88 3.02 -31.79 -37.10
C ILE G 88 2.42 -32.36 -38.38
N ARG G 89 2.14 -33.66 -38.40
CA ARG G 89 1.51 -34.30 -39.55
C ARG G 89 -0.01 -34.16 -39.40
N LYS G 90 -0.62 -33.34 -40.26
CA LYS G 90 -1.98 -32.83 -40.01
C LYS G 90 -3.04 -33.96 -39.96
N MET G 91 -2.90 -34.99 -40.80
CA MET G 91 -3.90 -36.05 -40.85
C MET G 91 -3.51 -37.29 -40.04
N ARG G 92 -2.54 -37.17 -39.13
CA ARG G 92 -2.04 -38.24 -38.28
C ARG G 92 -2.93 -38.42 -37.06
N PRO G 93 -3.08 -39.64 -36.56
CA PRO G 93 -3.97 -39.88 -35.42
C PRO G 93 -3.67 -38.97 -34.23
N LEU G 94 -4.72 -38.71 -33.44
CA LEU G 94 -4.62 -37.76 -32.32
C LEU G 94 -3.69 -38.27 -31.23
N SER G 95 -3.73 -39.57 -30.95
CA SER G 95 -2.81 -40.17 -30.00
C SER G 95 -1.37 -39.79 -30.32
N GLY G 96 -1.04 -39.72 -31.61
CA GLY G 96 0.30 -39.36 -32.03
C GLY G 96 0.55 -37.88 -31.88
N LEU G 97 -0.40 -37.07 -32.37
CA LEU G 97 -0.29 -35.63 -32.22
C LEU G 97 -0.16 -35.24 -30.77
N MET G 98 -0.90 -35.91 -29.88
CA MET G 98 -0.87 -35.58 -28.46
C MET G 98 0.49 -35.84 -27.84
N GLU G 99 1.20 -36.88 -28.32
CA GLU G 99 2.53 -37.14 -27.82
C GLU G 99 3.50 -36.05 -28.26
N THR G 100 3.31 -35.51 -29.47
CA THR G 100 4.13 -34.39 -29.91
C THR G 100 3.81 -33.12 -29.13
N ALA G 101 2.60 -33.03 -28.56
CA ALA G 101 2.30 -31.89 -27.71
C ALA G 101 3.09 -31.98 -26.40
N LYS G 102 3.28 -33.19 -25.88
CA LYS G 102 4.21 -33.39 -24.78
C LYS G 102 5.63 -32.99 -25.20
N GLU G 103 6.03 -33.32 -26.43
CA GLU G 103 7.36 -32.96 -26.90
C GLU G 103 7.57 -31.45 -26.84
N MET G 104 6.56 -30.66 -27.25
CA MET G 104 6.64 -29.19 -27.15
C MET G 104 6.72 -28.75 -25.69
N THR G 105 6.01 -29.47 -24.82
CA THR G 105 5.89 -29.12 -23.41
C THR G 105 7.14 -29.49 -22.62
N ARG G 106 7.92 -30.47 -23.10
CA ARG G 106 9.13 -30.88 -22.41
C ARG G 106 10.37 -30.11 -22.90
N GLU G 107 10.44 -29.78 -24.18
CA GLU G 107 11.61 -29.08 -24.70
C GLU G 107 11.50 -27.55 -24.61
N SER G 108 10.28 -27.01 -24.43
CA SER G 108 10.01 -25.58 -24.40
C SER G 108 10.73 -24.82 -25.50
N LEU G 109 10.24 -24.93 -26.73
CA LEU G 109 10.86 -24.25 -27.87
C LEU G 109 9.83 -23.33 -28.52
N PRO G 110 10.23 -22.46 -29.45
CA PRO G 110 9.26 -21.61 -30.15
C PRO G 110 8.39 -22.41 -31.10
N ILE G 111 7.15 -21.93 -31.29
CA ILE G 111 6.15 -22.65 -32.06
C ILE G 111 5.49 -21.70 -33.05
N LYS G 112 4.88 -22.29 -34.08
CA LYS G 112 4.12 -21.50 -35.07
C LYS G 112 2.60 -21.78 -34.92
N CYS G 113 1.78 -21.28 -35.83
CA CYS G 113 0.29 -21.38 -35.63
C CYS G 113 -0.26 -22.78 -35.56
N LEU G 114 0.25 -23.68 -36.39
CA LEU G 114 -0.29 -25.03 -36.48
C LEU G 114 0.10 -25.86 -35.25
N GLU G 115 1.37 -25.77 -34.87
CA GLU G 115 1.83 -26.43 -33.66
C GLU G 115 1.06 -25.91 -32.46
N ALA G 116 0.72 -24.62 -32.49
CA ALA G 116 -0.02 -24.02 -31.37
C ALA G 116 -1.39 -24.67 -31.19
N VAL G 117 -2.11 -24.97 -32.28
CA VAL G 117 -3.46 -25.51 -32.08
C VAL G 117 -3.38 -26.92 -31.55
N ILE G 118 -2.34 -27.66 -31.95
CA ILE G 118 -2.12 -29.00 -31.39
C ILE G 118 -1.87 -28.90 -29.90
N LEU G 119 -0.97 -28.00 -29.52
CA LEU G 119 -0.66 -27.83 -28.12
C LEU G 119 -1.87 -27.34 -27.34
N GLY G 120 -2.66 -26.45 -27.96
CA GLY G 120 -3.89 -26.00 -27.33
C GLY G 120 -4.83 -27.15 -27.04
N ILE G 121 -5.05 -28.02 -28.03
CA ILE G 121 -5.85 -29.23 -27.84
C ILE G 121 -5.33 -30.03 -26.66
N TYR G 122 -4.01 -30.28 -26.63
CA TYR G 122 -3.42 -30.99 -25.51
C TYR G 122 -3.78 -30.36 -24.17
N LEU G 123 -3.60 -29.04 -24.04
CA LEU G 123 -3.70 -28.43 -22.72
C LEU G 123 -5.13 -28.31 -22.23
N THR G 124 -6.12 -28.56 -23.09
CA THR G 124 -7.51 -28.51 -22.70
C THR G 124 -8.19 -29.87 -22.70
N ASN G 125 -7.51 -30.93 -23.14
CA ASN G 125 -7.98 -32.28 -22.90
C ASN G 125 -8.35 -32.43 -21.42
N GLY G 126 -9.44 -33.13 -21.15
CA GLY G 126 -9.82 -33.30 -19.75
C GLY G 126 -10.46 -32.08 -19.12
N GLN G 127 -11.30 -31.37 -19.87
CA GLN G 127 -12.24 -30.41 -19.29
C GLN G 127 -13.46 -30.39 -20.21
N PRO G 128 -14.44 -31.25 -19.96
CA PRO G 128 -15.52 -31.48 -20.94
C PRO G 128 -16.40 -30.27 -21.19
N SER G 129 -16.38 -29.26 -20.31
CA SER G 129 -17.21 -28.09 -20.51
C SER G 129 -16.79 -27.30 -21.74
N ILE G 130 -15.54 -27.41 -22.17
CA ILE G 130 -15.04 -26.68 -23.32
C ILE G 130 -14.94 -27.62 -24.52
N GLU G 131 -15.48 -27.18 -25.66
CA GLU G 131 -15.31 -27.86 -26.93
C GLU G 131 -14.27 -27.11 -27.75
N ARG G 132 -13.48 -27.86 -28.51
CA ARG G 132 -12.38 -27.31 -29.29
C ARG G 132 -12.58 -27.67 -30.76
N PHE G 133 -12.21 -26.76 -31.66
CA PHE G 133 -12.29 -27.10 -33.08
C PHE G 133 -11.36 -26.19 -33.87
N PRO G 134 -10.78 -26.67 -34.96
CA PRO G 134 -9.86 -25.83 -35.73
C PRO G 134 -10.57 -24.86 -36.66
N ILE G 135 -9.95 -23.71 -36.85
CA ILE G 135 -10.47 -22.68 -37.74
C ILE G 135 -9.31 -22.21 -38.62
N SER G 136 -9.48 -22.33 -39.94
CA SER G 136 -8.45 -21.98 -40.91
C SER G 136 -8.88 -20.77 -41.75
N PHE G 137 -7.93 -19.91 -42.07
CA PHE G 137 -8.17 -18.76 -42.93
C PHE G 137 -7.19 -18.78 -44.11
N LYS G 138 -7.73 -18.57 -45.30
CA LYS G 138 -6.94 -18.21 -46.48
C LYS G 138 -7.25 -16.76 -46.81
N THR G 139 -6.21 -15.93 -46.83
CA THR G 139 -6.36 -14.51 -47.07
C THR G 139 -5.52 -14.12 -48.29
N TYR G 140 -5.91 -12.99 -48.90
CA TYR G 140 -5.16 -12.33 -49.95
C TYR G 140 -4.50 -11.09 -49.36
N PHE G 141 -3.26 -10.83 -49.77
CA PHE G 141 -2.65 -9.55 -49.50
C PHE G 141 -1.52 -9.31 -50.50
N SER G 142 -1.56 -8.16 -51.16
CA SER G 142 -0.53 -7.77 -52.12
C SER G 142 -0.28 -8.89 -53.14
N GLY G 143 -1.36 -9.28 -53.82
CA GLY G 143 -1.26 -10.29 -54.87
C GLY G 143 -0.70 -11.64 -54.43
N ASN G 144 -1.08 -12.11 -53.25
CA ASN G 144 -0.57 -13.39 -52.72
C ASN G 144 -1.53 -13.95 -51.70
N TYR G 145 -1.51 -15.27 -51.54
CA TYR G 145 -2.38 -15.91 -50.58
C TYR G 145 -1.62 -16.43 -49.37
N PHE G 146 -2.32 -16.50 -48.24
CA PHE G 146 -1.73 -16.79 -46.94
C PHE G 146 -2.67 -17.68 -46.15
N HIS G 147 -2.10 -18.47 -45.23
CA HIS G 147 -2.82 -19.54 -44.53
C HIS G 147 -2.53 -19.53 -43.04
N HIS G 148 -3.59 -19.50 -42.23
CA HIS G 148 -3.46 -19.37 -40.79
C HIS G 148 -4.43 -20.33 -40.10
N VAL G 149 -4.09 -20.76 -38.89
CA VAL G 149 -4.90 -21.71 -38.17
C VAL G 149 -4.91 -21.36 -36.69
N VAL G 150 -6.07 -21.52 -36.05
CA VAL G 150 -6.24 -21.26 -34.62
C VAL G 150 -7.21 -22.30 -34.09
N LEU G 151 -7.14 -22.54 -32.77
CA LEU G 151 -8.07 -23.44 -32.08
C LEU G 151 -9.30 -22.66 -31.66
N GLY G 152 -10.45 -22.97 -32.25
CA GLY G 152 -11.70 -22.34 -31.85
C GLY G 152 -12.30 -23.02 -30.62
N ILE G 153 -12.89 -22.21 -29.76
CA ILE G 153 -13.34 -22.68 -28.46
C ILE G 153 -14.83 -22.41 -28.32
N TYR G 154 -15.55 -23.39 -27.79
CA TYR G 154 -16.93 -23.19 -27.40
C TYR G 154 -17.11 -23.65 -25.97
N CYS G 155 -17.82 -22.86 -25.16
CA CYS G 155 -18.04 -23.20 -23.76
C CYS G 155 -19.14 -22.31 -23.16
N ASN G 156 -20.21 -22.92 -22.64
CA ASN G 156 -21.32 -22.19 -22.00
C ASN G 156 -22.00 -21.19 -22.95
N GLY G 157 -22.26 -21.60 -24.19
CA GLY G 157 -22.89 -20.69 -25.12
C GLY G 157 -22.02 -19.55 -25.64
N ARG G 158 -20.70 -19.60 -25.43
CA ARG G 158 -19.78 -18.54 -25.86
C ARG G 158 -18.65 -19.12 -26.71
N TYR G 159 -18.21 -18.31 -27.67
CA TYR G 159 -17.10 -18.67 -28.56
C TYR G 159 -15.87 -17.86 -28.17
N GLY G 160 -14.70 -18.48 -28.38
CA GLY G 160 -13.41 -17.87 -28.19
C GLY G 160 -12.38 -18.63 -29.00
N SER G 161 -11.11 -18.24 -28.83
CA SER G 161 -10.07 -18.96 -29.56
C SER G 161 -8.76 -18.98 -28.76
N LEU G 162 -7.84 -19.81 -29.25
CA LEU G 162 -6.46 -19.93 -28.79
C LEU G 162 -5.56 -20.13 -30.00
N GLY G 163 -4.34 -19.58 -29.93
CA GLY G 163 -3.42 -19.79 -31.04
C GLY G 163 -2.11 -19.06 -30.84
N MET G 164 -1.32 -19.04 -31.90
CA MET G 164 -0.07 -18.30 -31.93
C MET G 164 0.06 -17.58 -33.27
N SER G 165 0.43 -16.30 -33.21
CA SER G 165 0.64 -15.47 -34.38
C SER G 165 1.74 -14.44 -34.08
N ARG G 166 2.35 -13.92 -35.15
CA ARG G 166 3.13 -12.69 -35.00
C ARG G 166 2.23 -11.49 -34.69
N ARG G 167 0.97 -11.52 -35.10
CA ARG G 167 -0.01 -10.48 -34.80
C ARG G 167 -0.83 -10.89 -33.58
N ALA G 168 -0.84 -10.03 -32.57
CA ALA G 168 -1.49 -10.38 -31.31
C ALA G 168 -3.01 -10.44 -31.44
N GLU G 169 -3.59 -9.73 -32.42
CA GLU G 169 -5.04 -9.75 -32.66
C GLU G 169 -5.50 -10.95 -33.48
N LEU G 170 -4.59 -11.76 -34.01
CA LEU G 170 -4.93 -12.93 -34.81
C LEU G 170 -4.56 -14.23 -34.10
N MET G 171 -4.77 -14.29 -32.79
CA MET G 171 -4.52 -15.52 -32.05
C MET G 171 -5.70 -15.82 -31.12
N ASP G 172 -5.52 -15.49 -29.85
CA ASP G 172 -6.53 -15.76 -28.83
C ASP G 172 -7.59 -14.67 -28.81
N LYS G 173 -8.84 -15.09 -28.71
CA LYS G 173 -10.02 -14.29 -28.52
C LYS G 173 -10.67 -14.69 -27.20
N PRO G 174 -11.18 -13.75 -26.42
CA PRO G 174 -11.80 -14.11 -25.14
C PRO G 174 -13.15 -14.77 -25.31
N LEU G 175 -13.53 -15.58 -24.31
CA LEU G 175 -14.82 -16.28 -24.33
C LEU G 175 -16.01 -15.34 -24.21
N THR G 176 -16.14 -14.40 -25.15
CA THR G 176 -17.21 -13.40 -25.05
C THR G 176 -18.06 -13.32 -26.29
N PHE G 177 -17.96 -14.28 -27.21
CA PHE G 177 -18.68 -14.21 -28.48
C PHE G 177 -19.95 -15.05 -28.43
N ARG G 178 -21.10 -14.41 -28.65
CA ARG G 178 -22.35 -15.11 -28.49
C ARG G 178 -22.59 -16.11 -29.64
N THR G 179 -22.10 -15.83 -30.83
CA THR G 179 -22.26 -16.74 -31.96
C THR G 179 -20.91 -17.03 -32.61
N LEU G 180 -20.91 -18.05 -33.48
CA LEU G 180 -19.68 -18.36 -34.20
C LEU G 180 -19.36 -17.30 -35.24
N SER G 181 -20.39 -16.68 -35.84
CA SER G 181 -20.12 -15.65 -36.85
C SER G 181 -19.37 -14.46 -36.25
N ASP G 182 -19.77 -14.04 -35.05
CA ASP G 182 -19.11 -12.93 -34.34
C ASP G 182 -17.65 -13.22 -34.08
N LEU G 183 -17.31 -14.47 -33.76
CA LEU G 183 -15.89 -14.85 -33.69
C LEU G 183 -15.22 -14.68 -35.05
N ILE G 184 -15.78 -15.29 -36.11
CA ILE G 184 -15.11 -15.25 -37.41
C ILE G 184 -14.98 -13.81 -37.91
N PHE G 185 -16.04 -13.00 -37.72
CA PHE G 185 -16.01 -11.61 -38.18
C PHE G 185 -14.96 -10.78 -37.44
N ASP G 186 -14.67 -11.10 -36.17
CA ASP G 186 -13.61 -10.40 -35.47
C ASP G 186 -12.27 -10.76 -36.08
N PHE G 187 -12.05 -12.02 -36.41
CA PHE G 187 -10.86 -12.36 -37.17
C PHE G 187 -10.82 -11.59 -38.48
N GLU G 188 -11.95 -11.51 -39.20
CA GLU G 188 -11.95 -10.79 -40.47
C GLU G 188 -11.56 -9.33 -40.30
N ASP G 189 -12.03 -8.69 -39.22
CA ASP G 189 -11.77 -7.27 -39.00
C ASP G 189 -10.33 -7.03 -38.56
N SER G 190 -9.79 -7.95 -37.75
CA SER G 190 -8.39 -7.90 -37.36
C SER G 190 -7.48 -8.00 -38.57
N TYR G 191 -7.76 -8.94 -39.47
CA TYR G 191 -7.08 -9.04 -40.75
C TYR G 191 -7.12 -7.70 -41.51
N LYS G 192 -8.21 -6.94 -41.40
CA LYS G 192 -8.27 -5.67 -42.09
C LYS G 192 -7.23 -4.68 -41.58
N LYS G 193 -6.77 -4.83 -40.33
CA LYS G 193 -5.69 -4.00 -39.81
C LYS G 193 -4.41 -4.15 -40.63
N TYR G 194 -4.17 -5.34 -41.17
CA TYR G 194 -2.97 -5.63 -41.95
C TYR G 194 -3.24 -5.77 -43.44
N LEU G 195 -4.41 -5.29 -43.88
CA LEU G 195 -4.76 -5.17 -45.28
C LEU G 195 -4.99 -6.51 -45.97
N HIS G 196 -5.21 -7.55 -45.20
CA HIS G 196 -5.61 -8.83 -45.75
C HIS G 196 -7.11 -8.81 -46.04
N THR G 197 -7.48 -9.39 -47.18
CA THR G 197 -8.88 -9.72 -47.48
C THR G 197 -9.08 -11.23 -47.28
N VAL G 198 -10.06 -11.60 -46.46
CA VAL G 198 -10.35 -13.01 -46.20
C VAL G 198 -11.12 -13.61 -47.37
N LYS G 199 -10.65 -14.76 -47.89
CA LYS G 199 -11.29 -15.43 -49.02
C LYS G 199 -11.95 -16.75 -48.65
N LYS G 200 -11.25 -17.67 -48.00
CA LYS G 200 -11.84 -18.92 -47.59
C LYS G 200 -11.77 -19.04 -46.06
N VAL G 201 -12.78 -19.69 -45.50
CA VAL G 201 -12.81 -20.01 -44.08
C VAL G 201 -13.14 -21.49 -43.92
N LYS G 202 -12.32 -22.20 -43.15
CA LYS G 202 -12.46 -23.64 -42.94
C LYS G 202 -12.67 -23.94 -41.46
N ILE G 203 -13.85 -24.46 -41.11
CA ILE G 203 -14.15 -24.87 -39.75
C ILE G 203 -14.14 -26.39 -39.69
N GLY G 204 -13.55 -26.93 -38.63
CA GLY G 204 -13.45 -28.35 -38.42
C GLY G 204 -14.53 -28.87 -37.50
N LEU G 205 -14.22 -29.99 -36.84
CA LEU G 205 -15.15 -30.64 -35.95
C LEU G 205 -14.62 -30.59 -34.53
N TYR G 206 -15.51 -30.78 -33.57
CA TYR G 206 -15.11 -30.89 -32.18
C TYR G 206 -14.03 -31.95 -32.03
N VAL G 207 -12.87 -31.56 -31.56
CA VAL G 207 -11.80 -32.53 -31.28
C VAL G 207 -12.13 -33.25 -29.99
N PRO G 208 -12.48 -34.54 -30.04
CA PRO G 208 -12.95 -35.23 -28.83
C PRO G 208 -11.86 -35.30 -27.76
N HIS G 209 -12.31 -35.26 -26.49
CA HIS G 209 -11.38 -35.31 -25.36
C HIS G 209 -10.75 -36.69 -25.23
N GLU G 210 -11.52 -37.76 -25.46
CA GLU G 210 -11.03 -39.14 -25.39
C GLU G 210 -11.24 -39.82 -26.74
N PRO G 211 -10.36 -39.56 -27.72
CA PRO G 211 -10.54 -40.13 -29.07
C PRO G 211 -10.16 -41.60 -29.17
N HIS G 212 -10.87 -42.31 -30.04
CA HIS G 212 -10.46 -43.68 -30.26
C HIS G 212 -9.10 -43.70 -30.96
N SER G 213 -8.38 -44.80 -30.81
CA SER G 213 -7.06 -44.89 -31.40
C SER G 213 -7.16 -44.76 -32.91
N PHE G 214 -6.24 -43.99 -33.49
CA PHE G 214 -6.17 -43.63 -34.91
C PHE G 214 -7.17 -42.54 -35.27
N GLN G 215 -7.79 -41.89 -34.31
CA GLN G 215 -8.74 -40.84 -34.66
C GLN G 215 -7.98 -39.57 -34.97
N PRO G 216 -8.14 -38.99 -36.16
CA PRO G 216 -7.46 -37.73 -36.47
C PRO G 216 -8.36 -36.52 -36.27
N ILE G 217 -7.74 -35.34 -36.26
CA ILE G 217 -8.50 -34.10 -36.41
C ILE G 217 -9.16 -34.08 -37.78
N GLU G 218 -10.34 -33.45 -37.86
CA GLU G 218 -10.97 -33.11 -39.13
C GLU G 218 -10.96 -31.59 -39.29
N TRP G 219 -10.21 -31.10 -40.27
CA TRP G 219 -9.98 -29.67 -40.39
C TRP G 219 -11.04 -28.95 -41.23
N LYS G 220 -11.57 -29.57 -42.28
CA LYS G 220 -12.44 -28.82 -43.18
C LYS G 220 -13.85 -29.39 -43.25
N GLN G 221 -14.57 -29.41 -42.13
CA GLN G 221 -15.97 -29.84 -42.21
C GLN G 221 -16.83 -28.83 -42.96
N LEU G 222 -16.41 -27.57 -42.97
CA LEU G 222 -17.12 -26.52 -43.67
C LEU G 222 -16.07 -25.64 -44.32
N VAL G 223 -16.13 -25.48 -45.64
CA VAL G 223 -15.19 -24.66 -46.38
C VAL G 223 -16.00 -23.61 -47.11
N LEU G 224 -16.02 -22.38 -46.58
CA LEU G 224 -16.87 -21.34 -47.13
C LEU G 224 -16.04 -20.29 -47.86
N ASN G 225 -16.29 -20.13 -49.16
CA ASN G 225 -15.61 -19.12 -49.97
C ASN G 225 -16.32 -17.78 -49.77
N VAL G 226 -15.76 -16.91 -48.93
CA VAL G 226 -16.46 -15.70 -48.53
C VAL G 226 -16.08 -14.51 -49.39
N SER G 227 -15.23 -14.71 -50.39
CA SER G 227 -14.56 -13.59 -51.01
C SER G 227 -15.54 -12.64 -51.66
N LYS G 228 -16.60 -13.16 -52.29
CA LYS G 228 -17.57 -12.31 -52.97
C LYS G 228 -18.95 -12.30 -52.29
N MET G 229 -19.02 -12.72 -51.00
CA MET G 229 -20.23 -12.82 -50.18
C MET G 229 -20.40 -11.63 -49.20
N LEU G 230 -21.66 -11.30 -48.90
CA LEU G 230 -21.99 -10.22 -47.98
C LEU G 230 -22.23 -10.73 -46.55
N ARG G 231 -21.96 -9.85 -45.56
CA ARG G 231 -22.00 -10.20 -44.14
C ARG G 231 -23.21 -11.08 -43.76
N ALA G 232 -24.43 -10.65 -44.12
CA ALA G 232 -25.63 -11.40 -43.74
C ALA G 232 -25.63 -12.79 -44.34
N ASP G 233 -25.07 -12.95 -45.54
CA ASP G 233 -25.01 -14.24 -46.19
C ASP G 233 -23.92 -15.11 -45.57
N ILE G 234 -22.80 -14.51 -45.16
CA ILE G 234 -21.75 -15.27 -44.48
C ILE G 234 -22.27 -15.77 -43.13
N ARG G 235 -23.09 -14.95 -42.48
CA ARG G 235 -23.59 -15.29 -41.15
C ARG G 235 -24.65 -16.39 -41.21
N LYS G 236 -25.54 -16.36 -42.23
CA LYS G 236 -26.56 -17.39 -42.34
C LYS G 236 -25.92 -18.76 -42.44
N GLU G 237 -24.74 -18.85 -43.04
CA GLU G 237 -24.09 -20.14 -43.27
C GLU G 237 -23.25 -20.59 -42.08
N LEU G 238 -22.47 -19.66 -41.53
CA LEU G 238 -21.76 -19.94 -40.29
C LEU G 238 -22.72 -20.38 -39.20
N GLU G 239 -23.85 -19.69 -39.06
CA GLU G 239 -24.78 -20.00 -37.96
C GLU G 239 -25.41 -21.37 -38.14
N LYS G 240 -25.63 -21.78 -39.39
CA LYS G 240 -26.18 -23.10 -39.62
C LYS G 240 -25.13 -24.17 -39.39
N TYR G 241 -23.88 -23.89 -39.73
CA TYR G 241 -22.84 -24.86 -39.42
C TYR G 241 -22.68 -25.01 -37.90
N ALA G 242 -22.82 -23.92 -37.16
CA ALA G 242 -22.69 -24.00 -35.70
C ALA G 242 -23.85 -24.76 -35.07
N ARG G 243 -25.05 -24.66 -35.64
CA ARG G 243 -26.17 -25.50 -35.19
C ARG G 243 -25.86 -26.97 -35.35
N ASP G 244 -25.08 -27.33 -36.37
CA ASP G 244 -24.81 -28.74 -36.62
C ASP G 244 -23.76 -29.29 -35.65
N MET G 245 -22.70 -28.51 -35.37
CA MET G 245 -21.73 -28.94 -34.37
C MET G 245 -22.41 -29.13 -33.02
N ARG G 246 -23.24 -28.16 -32.62
CA ARG G 246 -23.77 -28.15 -31.26
C ARG G 246 -24.74 -29.31 -31.01
N MET G 247 -25.59 -29.62 -32.00
CA MET G 247 -26.38 -30.86 -31.98
C MET G 247 -25.41 -32.00 -32.29
N LYS G 248 -24.73 -32.46 -31.25
CA LYS G 248 -23.52 -33.28 -31.42
C LYS G 248 -23.92 -34.70 -31.83
N ILE G 249 -23.78 -34.99 -33.12
CA ILE G 249 -24.26 -36.27 -33.67
C ILE G 249 -23.33 -37.43 -33.29
N LEU G 250 -22.02 -37.16 -33.16
CA LEU G 250 -21.06 -38.19 -32.71
C LEU G 250 -20.48 -37.88 -31.33
N GLN H 29 24.76 -35.82 -23.92
CA GLN H 29 23.83 -35.13 -24.81
C GLN H 29 23.21 -33.91 -24.14
N GLU H 30 24.07 -33.07 -23.56
CA GLU H 30 23.65 -31.73 -23.13
C GLU H 30 23.64 -30.75 -24.30
N LEU H 31 23.69 -31.26 -25.53
CA LEU H 31 23.67 -30.43 -26.74
C LEU H 31 22.29 -29.82 -26.97
N LYS H 32 21.22 -30.51 -26.57
CA LYS H 32 19.89 -29.91 -26.62
C LYS H 32 19.84 -28.64 -25.78
N GLN H 33 20.58 -28.62 -24.67
CA GLN H 33 20.64 -27.43 -23.82
C GLN H 33 21.23 -26.25 -24.58
N ARG H 34 22.32 -26.47 -25.32
CA ARG H 34 22.97 -25.37 -26.02
C ARG H 34 22.13 -24.88 -27.20
N GLN H 35 21.56 -25.81 -27.98
CA GLN H 35 20.77 -25.44 -29.16
C GLN H 35 19.55 -24.61 -28.76
N ARG H 36 18.90 -24.97 -27.66
CA ARG H 36 17.81 -24.15 -27.16
C ARG H 36 18.27 -22.72 -26.92
N ALA H 37 19.49 -22.55 -26.41
CA ALA H 37 19.99 -21.24 -26.06
C ALA H 37 20.33 -20.42 -27.30
N GLU H 38 20.75 -21.09 -28.37
CA GLU H 38 20.94 -20.37 -29.64
C GLU H 38 19.60 -20.09 -30.31
N ILE H 39 18.68 -21.06 -30.28
CA ILE H 39 17.36 -20.86 -30.86
C ILE H 39 16.68 -19.66 -30.24
N TYR H 40 16.75 -19.54 -28.91
CA TYR H 40 16.07 -18.44 -28.27
C TYR H 40 16.80 -17.13 -28.52
N ALA H 41 18.13 -17.15 -28.45
CA ALA H 41 18.89 -15.97 -28.87
C ALA H 41 18.58 -15.62 -30.32
N LEU H 42 18.58 -16.63 -31.20
CA LEU H 42 18.28 -16.37 -32.62
C LEU H 42 16.86 -15.87 -32.81
N ASN H 43 15.89 -16.46 -32.10
CA ASN H 43 14.51 -15.99 -32.20
C ASN H 43 14.42 -14.50 -31.82
N ARG H 44 15.13 -14.10 -30.77
CA ARG H 44 15.15 -12.70 -30.38
C ARG H 44 15.58 -11.82 -31.54
N VAL H 45 16.71 -12.19 -32.17
CA VAL H 45 17.26 -11.39 -33.26
C VAL H 45 16.25 -11.23 -34.40
N MET H 46 15.60 -12.33 -34.82
CA MET H 46 14.65 -12.24 -35.94
C MET H 46 13.33 -11.60 -35.54
N THR H 47 13.02 -11.53 -34.25
CA THR H 47 11.84 -10.77 -33.84
C THR H 47 12.12 -9.28 -33.86
N GLU H 48 13.23 -8.85 -33.23
CA GLU H 48 13.62 -7.44 -33.31
C GLU H 48 13.82 -7.00 -34.75
N LEU H 49 14.13 -7.96 -35.63
CA LEU H 49 14.26 -7.70 -37.06
C LEU H 49 12.90 -7.50 -37.72
N GLU H 50 11.97 -8.40 -37.43
CA GLU H 50 10.64 -8.30 -38.00
C GLU H 50 9.94 -7.02 -37.56
N GLN H 51 10.22 -6.55 -36.32
CA GLN H 51 9.58 -5.32 -35.84
C GLN H 51 10.14 -4.10 -36.56
N GLN H 52 11.46 -4.06 -36.76
CA GLN H 52 12.04 -2.99 -37.55
C GLN H 52 11.51 -3.02 -38.97
N GLN H 53 11.44 -4.22 -39.59
CA GLN H 53 10.89 -4.33 -40.94
C GLN H 53 9.42 -3.88 -40.97
N PHE H 54 8.59 -4.41 -40.06
CA PHE H 54 7.19 -4.02 -40.01
C PHE H 54 7.01 -2.53 -39.78
N ASP H 55 7.90 -1.90 -38.99
CA ASP H 55 7.77 -0.48 -38.74
C ASP H 55 8.11 0.38 -39.96
N GLU H 56 8.71 -0.20 -41.01
CA GLU H 56 8.87 0.52 -42.26
C GLU H 56 7.51 0.91 -42.84
N PHE H 57 6.51 0.04 -42.69
CA PHE H 57 5.15 0.32 -43.10
C PHE H 57 4.33 1.01 -41.99
C1 TQ8 I . -4.94 -11.42 16.86
N2 TQ8 I . -5.20 -10.25 17.78
C3 TQ8 I . -3.56 -12.12 16.79
C4 TQ8 I . -6.04 -12.40 17.13
O5 TQ8 I . -5.86 -13.38 17.84
C6 TQ8 I . -2.66 -11.28 15.87
C7 TQ8 I . -1.30 -11.09 16.16
C8 TQ8 I . -3.23 -10.63 14.77
C9 TQ8 I . -0.53 -10.29 15.33
C10 TQ8 I . -2.45 -9.82 13.94
C11 TQ8 I . -1.09 -9.65 14.22
S12 TQ8 I . -4.07 -9.15 18.21
O13 TQ8 I . -3.05 -9.88 18.94
O14 TQ8 I . -4.66 -8.22 19.13
C15 TQ8 I . -1.85 -6.60 15.38
C16 TQ8 I . -1.26 -7.15 16.49
C17 TQ8 I . -2.00 -7.96 17.34
C18 TQ8 I . -3.34 -8.24 17.11
C19 TQ8 I . -3.97 -7.67 16.01
C20 TQ8 I . -3.21 -6.86 15.14
C21 TQ8 I . -1.02 -5.73 14.47
C22 TQ8 I . -7.37 -12.09 16.47
C1 GOL J . -8.01 3.85 21.07
O1 GOL J . -7.74 4.06 19.67
C2 GOL J . -9.54 3.47 21.38
O2 GOL J . -10.00 3.97 22.61
C3 GOL J . -9.71 1.87 21.24
O3 GOL J . -9.10 1.16 22.31
C1 GOL K . -8.67 -15.17 13.27
O1 GOL K . -9.13 -15.82 14.45
C2 GOL K . -9.63 -15.55 12.05
O2 GOL K . -10.95 -15.75 12.48
C3 GOL K . -9.49 -14.35 10.96
O3 GOL K . -9.06 -14.87 9.69
C1 TQ8 L . 4.93 3.15 16.96
N2 TQ8 L . 5.35 4.55 16.81
C3 TQ8 L . 3.70 2.81 16.08
C4 TQ8 L . 6.06 2.25 16.53
O5 TQ8 L . 5.84 1.44 15.63
C6 TQ8 L . 2.41 3.60 16.30
C7 TQ8 L . 1.21 2.90 16.51
C8 TQ8 L . 2.37 5.00 16.25
C9 TQ8 L . 0.01 3.59 16.70
C10 TQ8 L . 1.16 5.69 16.43
C11 TQ8 L . -0.02 4.99 16.65
S12 TQ8 L . 5.22 5.39 18.20
O13 TQ8 L . 4.05 4.96 18.92
O14 TQ8 L . 5.13 6.79 17.87
C15 TQ8 L . 8.90 4.63 20.47
C16 TQ8 L . 8.92 5.34 19.27
C17 TQ8 L . 7.74 5.59 18.55
C18 TQ8 L . 6.53 5.11 19.04
C19 TQ8 L . 6.49 4.38 20.23
C20 TQ8 L . 7.68 4.15 20.95
C21 TQ8 L . 10.19 4.39 21.22
C22 TQ8 L . 7.45 2.35 17.14
C1 TQ8 M . 13.76 4.02 -7.92
N2 TQ8 M . 12.85 3.52 -9.00
C3 TQ8 M . 14.78 3.09 -7.22
C4 TQ8 M . 14.47 5.10 -8.65
O5 TQ8 M . 15.39 4.83 -9.40
C6 TQ8 M . 14.07 2.18 -6.22
C7 TQ8 M . 14.54 0.88 -5.99
C8 TQ8 M . 12.93 2.61 -5.56
C9 TQ8 M . 13.89 0.02 -5.09
C10 TQ8 M . 12.28 1.75 -4.67
C11 TQ8 M . 12.74 0.45 -4.43
S12 TQ8 M . 12.56 1.96 -9.34
O13 TQ8 M . 13.77 1.15 -9.33
O14 TQ8 M . 12.03 1.97 -10.67
C15 TQ8 M . 9.63 0.05 -6.61
C16 TQ8 M . 9.52 1.42 -6.90
C17 TQ8 M . 10.44 2.05 -7.75
C18 TQ8 M . 11.48 1.31 -8.33
C19 TQ8 M . 11.57 -0.05 -8.04
C20 TQ8 M . 10.67 -0.68 -7.19
C21 TQ8 M . 8.66 -0.64 -5.70
C22 TQ8 M . 13.96 6.51 -8.49
C1 GOL N . 15.55 8.85 -5.86
O1 GOL N . 16.63 8.38 -6.65
C2 GOL N . 15.49 10.42 -5.98
O2 GOL N . 16.77 11.02 -6.11
C3 GOL N . 14.68 10.93 -4.70
O3 GOL N . 13.36 10.42 -4.77
C1 TQ8 O . -5.74 28.06 23.55
N2 TQ8 O . -4.80 29.16 23.89
C3 TQ8 O . -6.36 28.39 22.18
C4 TQ8 O . -5.04 26.75 23.33
O5 TQ8 O . -5.33 26.07 22.36
C6 TQ8 O . -7.20 29.63 22.29
C7 TQ8 O . -7.07 30.64 21.34
C8 TQ8 O . -8.10 29.76 23.36
C9 TQ8 O . -7.86 31.79 21.47
C10 TQ8 O . -8.89 30.92 23.49
C11 TQ8 O . -8.77 31.93 22.54
S12 TQ8 O . -4.81 29.77 25.41
O13 TQ8 O . -3.69 30.67 25.45
O14 TQ8 O . -4.58 28.76 26.38
C15 TQ8 O . -8.18 32.24 26.77
C16 TQ8 O . -7.11 32.80 26.10
C17 TQ8 O . -6.06 32.00 25.69
C18 TQ8 O . -6.08 30.63 25.91
C19 TQ8 O . -7.15 30.06 26.60
C20 TQ8 O . -8.21 30.86 27.01
C21 TQ8 O . -9.30 33.15 27.21
C22 TQ8 O . -3.98 26.24 24.26
C1 GOL P . -9.32 20.39 22.89
O1 GOL P . -9.97 20.80 24.08
C2 GOL P . -7.75 20.59 23.05
O2 GOL P . -7.02 19.92 22.08
C3 GOL P . -7.50 22.16 23.04
O3 GOL P . -6.79 22.51 21.86
C1 TQ8 Q . -8.36 43.28 33.30
N2 TQ8 Q . -8.34 44.39 34.29
C3 TQ8 Q . -9.08 42.00 33.81
C4 TQ8 Q . -8.98 43.76 32.00
O5 TQ8 Q . -9.68 42.98 31.37
C6 TQ8 Q . -8.25 41.13 34.76
C7 TQ8 Q . -8.19 41.41 36.13
C8 TQ8 Q . -7.54 40.04 34.27
C9 TQ8 Q . -7.44 40.62 37.00
C10 TQ8 Q . -6.78 39.25 35.14
C11 TQ8 Q . -6.73 39.54 36.51
S12 TQ8 Q . -6.84 44.94 34.60
O13 TQ8 Q . -5.92 43.83 34.51
O14 TQ8 Q . -6.80 45.49 35.93
C15 TQ8 Q . -5.69 48.23 31.87
C16 TQ8 Q . -5.09 46.99 31.75
C17 TQ8 Q . -5.45 45.94 32.60
C18 TQ8 Q . -6.42 46.14 33.60
C19 TQ8 Q . -7.01 47.40 33.73
C20 TQ8 Q . -6.65 48.44 32.86
C21 TQ8 Q . -5.30 49.34 30.94
C22 TQ8 Q . -8.72 45.15 31.46
C1 TQ8 R . 1.33 -17.77 -40.42
N2 TQ8 R . 2.06 -16.80 -39.55
C3 TQ8 R . 1.95 -17.68 -41.81
C4 TQ8 R . 1.39 -19.23 -40.01
O5 TQ8 R . 1.53 -20.08 -40.89
C6 TQ8 R . 1.42 -16.40 -42.39
C7 TQ8 R . 0.02 -16.21 -42.41
C8 TQ8 R . 2.29 -15.42 -42.85
C9 TQ8 R . -0.49 -15.02 -42.92
C10 TQ8 R . 1.77 -14.23 -43.37
C11 TQ8 R . 0.39 -14.04 -43.41
S12 TQ8 R . 1.20 -15.71 -38.67
O13 TQ8 R . 2.14 -15.17 -37.74
O14 TQ8 R . 0.15 -16.36 -37.94
C15 TQ8 R . -0.71 -12.24 -40.59
C16 TQ8 R . 0.70 -12.29 -40.47
C17 TQ8 R . 1.31 -13.38 -39.87
C18 TQ8 R . 0.53 -14.45 -39.39
C19 TQ8 R . -0.86 -14.40 -39.49
C20 TQ8 R . -1.49 -13.30 -40.08
C21 TQ8 R . -1.38 -11.06 -41.22
C22 TQ8 R . 1.26 -19.68 -38.57
C1 GOL S . -1.31 -23.73 -42.58
O1 GOL S . -0.40 -23.36 -41.55
C2 GOL S . -2.77 -23.77 -42.00
O2 GOL S . -2.91 -24.70 -40.98
C3 GOL S . -3.77 -24.04 -43.23
O3 GOL S . -3.15 -24.89 -44.19
#